data_9JVA
#
_entry.id   9JVA
#
_cell.length_a   115.661
_cell.length_b   94.218
_cell.length_c   84.762
_cell.angle_alpha   90.00
_cell.angle_beta   126.97
_cell.angle_gamma   90.00
#
_symmetry.space_group_name_H-M   'C 1 2 1'
#
loop_
_entity.id
_entity.type
_entity.pdbx_description
1 polymer 'cysteine-S-conjugate beta-lyase'
2 non-polymer "PYRIDOXAL-5'-PHOSPHATE"
3 water water
#
_entity_poly.entity_id   1
_entity_poly.type   'polypeptide(L)'
_entity_poly.pdbx_seq_one_letter_code
;MAEKQYDFTHVPKRQGNSIKWGGLKEKELPMWIAEMDFRIAPEIMTSMEEKLKVAAFGYESVPAEYYKAVADWEEIEHRA
RPKEDWCVFASGVVPAISAMVRQFTSPGDQILVQEPVYNMFYSVIEGNGRRVISSDLIYENSKYSVNWADLEEKLATPSV
RMMVFCNPHNPIGYAWSEEEVKRIAELCAKHQVLLISDEIHGDLVLTDEDITPAFTVDWDAKNWVVSLISPSKTFNLAAL
HAACAIIPNPDLRARAEESFFLAGIGEPNLLAIPAAIAAYEEGHNWLRELKQVLRDNFAYAREFLAKEVPEVKVLDSNAS
YLAWVDISALGMNAEDFCKYLREKTGLIISAGNGYRGNGHEFVRINLACPKELVIDGMQRLKQGVLNLNN
;
_entity_poly.pdbx_strand_id   A,B
#
# COMPACT_ATOMS: atom_id res chain seq x y z
N LYS A 4 36.10 -1.53 5.80
CA LYS A 4 34.64 -1.74 5.61
C LYS A 4 34.27 -1.81 4.12
N GLN A 5 33.45 -2.76 3.72
CA GLN A 5 33.08 -2.89 2.31
C GLN A 5 32.05 -1.81 1.98
N TYR A 6 31.23 -1.43 2.95
CA TYR A 6 30.08 -0.58 2.68
C TYR A 6 30.21 0.74 3.42
N ASP A 7 29.39 1.70 3.01
CA ASP A 7 29.47 3.07 3.50
C ASP A 7 28.53 3.26 4.67
N PHE A 8 29.10 3.53 5.85
CA PHE A 8 28.33 3.91 7.02
C PHE A 8 28.76 5.25 7.57
N THR A 9 29.39 6.10 6.74
CA THR A 9 29.80 7.42 7.19
C THR A 9 29.08 8.59 6.53
N HIS A 10 28.47 8.42 5.36
CA HIS A 10 27.85 9.54 4.67
C HIS A 10 26.33 9.46 4.79
N VAL A 11 25.73 10.53 5.29
CA VAL A 11 24.26 10.55 5.44
C VAL A 11 23.61 10.69 4.07
N PRO A 12 22.65 9.84 3.71
CA PRO A 12 21.94 10.01 2.44
C PRO A 12 21.24 11.36 2.34
N LYS A 13 21.37 12.00 1.18
CA LYS A 13 20.77 13.31 0.88
C LYS A 13 19.33 13.09 0.43
N ARG A 14 18.38 13.37 1.33
CA ARG A 14 16.98 13.09 1.03
C ARG A 14 16.37 14.21 0.19
N GLN A 15 15.27 13.87 -0.48
CA GLN A 15 14.41 14.87 -1.04
C GLN A 15 13.60 15.54 0.08
N GLY A 16 12.87 16.59 -0.30
CA GLY A 16 12.25 17.47 0.68
C GLY A 16 11.15 16.85 1.51
N ASN A 17 10.47 15.83 1.00
CA ASN A 17 9.32 15.28 1.73
C ASN A 17 9.70 14.16 2.69
N SER A 18 10.84 14.25 3.35
CA SER A 18 11.26 13.22 4.29
C SER A 18 10.68 13.52 5.66
N ILE A 19 10.11 12.50 6.33
CA ILE A 19 9.61 12.70 7.68
C ILE A 19 10.76 13.02 8.63
N LYS A 20 11.90 12.33 8.45
CA LYS A 20 13.01 12.49 9.39
C LYS A 20 13.73 13.80 9.19
N TRP A 21 13.97 14.19 7.93
CA TRP A 21 14.84 15.32 7.65
C TRP A 21 14.13 16.52 7.06
N GLY A 22 12.83 16.42 6.74
CA GLY A 22 12.13 17.53 6.15
C GLY A 22 11.60 18.49 7.21
N GLY A 23 11.41 19.74 6.78
CA GLY A 23 10.82 20.74 7.65
C GLY A 23 11.63 21.07 8.88
N LEU A 24 12.94 20.86 8.85
CA LEU A 24 13.78 21.14 10.00
C LEU A 24 14.30 22.57 9.93
N LYS A 25 14.60 23.11 11.11
CA LYS A 25 15.30 24.37 11.20
C LYS A 25 16.80 24.12 11.15
N GLU A 26 17.55 25.21 10.98
CA GLU A 26 19.00 25.12 10.80
C GLU A 26 19.66 24.31 11.91
N LYS A 27 20.51 23.38 11.49
CA LYS A 27 21.38 22.58 12.36
C LYS A 27 20.62 21.64 13.30
N GLU A 28 19.33 21.43 13.11
CA GLU A 28 18.61 20.47 13.93
C GLU A 28 19.07 19.05 13.59
N LEU A 29 19.08 18.19 14.60
CA LEU A 29 19.61 16.83 14.47
C LEU A 29 18.53 15.83 14.86
N PRO A 30 17.87 15.19 13.88
CA PRO A 30 16.76 14.28 14.20
C PRO A 30 17.32 12.91 14.57
N MET A 31 16.93 12.43 15.75
CA MET A 31 17.28 11.08 16.19
C MET A 31 16.08 10.40 16.84
N TRP A 32 14.89 10.65 16.30
CA TRP A 32 13.66 10.15 16.91
C TRP A 32 13.04 9.01 16.10
N ILE A 33 12.63 9.27 14.86
CA ILE A 33 11.92 8.27 14.08
C ILE A 33 12.86 7.15 13.65
N ALA A 34 12.33 5.93 13.59
CA ALA A 34 13.14 4.73 13.33
C ALA A 34 13.35 4.53 11.84
N GLU A 35 14.27 5.33 11.29
CA GLU A 35 14.90 5.04 10.01
C GLU A 35 16.37 5.41 10.14
N MET A 36 17.18 4.83 9.27
CA MET A 36 18.62 4.99 9.38
C MET A 36 19.12 6.18 8.57
N ASP A 37 20.30 6.64 8.96
CA ASP A 37 21.01 7.62 8.16
C ASP A 37 22.19 6.96 7.48
N PHE A 38 21.95 5.77 6.91
CA PHE A 38 22.92 5.04 6.11
C PHE A 38 22.32 4.78 4.73
N ARG A 39 23.20 4.75 3.72
CA ARG A 39 22.77 4.24 2.41
C ARG A 39 22.37 2.78 2.53
N ILE A 40 21.46 2.34 1.65
CA ILE A 40 21.07 0.94 1.63
C ILE A 40 22.16 0.10 0.96
N ALA A 41 22.11 -1.19 1.23
CA ALA A 41 23.04 -2.14 0.63
C ALA A 41 23.06 -1.96 -0.89
N PRO A 42 24.23 -1.89 -1.51
CA PRO A 42 24.28 -1.73 -2.97
C PRO A 42 23.61 -2.87 -3.73
N GLU A 43 23.54 -4.07 -3.16
CA GLU A 43 22.86 -5.17 -3.83
C GLU A 43 21.36 -4.93 -3.92
N ILE A 44 20.77 -4.28 -2.92
CA ILE A 44 19.37 -3.88 -3.01
C ILE A 44 19.23 -2.74 -4.00
N MET A 45 20.14 -1.77 -3.91
CA MET A 45 20.10 -0.62 -4.80
C MET A 45 20.13 -1.05 -6.26
N THR A 46 21.00 -2.00 -6.61
CA THR A 46 21.08 -2.39 -8.02
C THR A 46 19.80 -3.04 -8.49
N SER A 47 19.16 -3.84 -7.64
CA SER A 47 17.92 -4.50 -8.02
C SER A 47 16.82 -3.50 -8.33
N MET A 48 16.80 -2.37 -7.62
CA MET A 48 15.82 -1.33 -7.90
C MET A 48 16.12 -0.65 -9.23
N GLU A 49 17.40 -0.32 -9.44
CA GLU A 49 17.83 0.33 -10.67
C GLU A 49 17.55 -0.54 -11.88
N GLU A 50 17.80 -1.85 -11.76
CA GLU A 50 17.54 -2.74 -12.86
C GLU A 50 16.05 -2.91 -13.12
N LYS A 51 15.23 -2.91 -12.08
CA LYS A 51 13.79 -3.05 -12.28
C LYS A 51 13.21 -1.83 -12.97
N LEU A 52 13.74 -0.63 -12.69
CA LEU A 52 13.25 0.56 -13.37
C LEU A 52 13.48 0.50 -14.88
N LYS A 53 14.45 -0.27 -15.30
CA LYS A 53 14.77 -0.37 -16.75
C LYS A 53 13.62 -1.02 -17.54
N VAL A 54 12.73 -1.75 -16.87
CA VAL A 54 11.58 -2.29 -17.59
C VAL A 54 10.77 -1.16 -18.24
N ALA A 55 10.74 0.01 -17.61
CA ALA A 55 10.11 1.23 -18.14
C ALA A 55 8.63 1.01 -18.43
N ALA A 56 8.00 0.09 -17.71
CA ALA A 56 6.56 -0.11 -17.76
C ALA A 56 6.16 -0.87 -16.50
N PHE A 57 5.16 -0.38 -15.77
CA PHE A 57 4.91 -0.91 -14.43
C PHE A 57 3.43 -1.28 -14.25
N GLY A 58 3.01 -2.31 -14.98
CA GLY A 58 1.70 -2.88 -14.80
C GLY A 58 1.67 -3.83 -13.63
N TYR A 59 0.66 -4.69 -13.62
CA TYR A 59 0.35 -5.51 -12.46
C TYR A 59 1.38 -6.63 -12.25
N GLU A 60 1.63 -6.93 -10.98
CA GLU A 60 2.64 -7.90 -10.59
C GLU A 60 2.07 -8.93 -9.64
N SER A 61 2.45 -10.19 -9.84
CA SER A 61 2.15 -11.21 -8.86
C SER A 61 3.26 -11.27 -7.81
N VAL A 62 2.98 -11.95 -6.70
CA VAL A 62 4.00 -12.31 -5.74
C VAL A 62 4.59 -13.64 -6.19
N PRO A 63 5.84 -13.68 -6.63
CA PRO A 63 6.41 -14.92 -7.15
C PRO A 63 6.80 -15.85 -6.02
N ALA A 64 6.82 -17.17 -6.32
CA ALA A 64 7.30 -18.13 -5.34
C ALA A 64 8.67 -17.75 -4.80
N GLU A 65 9.49 -17.11 -5.64
CA GLU A 65 10.85 -16.74 -5.25
C GLU A 65 10.87 -15.78 -4.07
N TYR A 66 9.82 -14.97 -3.92
CA TYR A 66 9.74 -14.06 -2.78
C TYR A 66 9.68 -14.84 -1.48
N TYR A 67 8.80 -15.84 -1.41
CA TYR A 67 8.68 -16.63 -0.19
C TYR A 67 9.92 -17.49 0.04
N LYS A 68 10.55 -17.98 -1.04
CA LYS A 68 11.78 -18.74 -0.87
C LYS A 68 12.92 -17.87 -0.35
N ALA A 69 12.95 -16.59 -0.75
CA ALA A 69 13.95 -15.66 -0.21
C ALA A 69 13.71 -15.40 1.26
N VAL A 70 12.43 -15.26 1.67
CA VAL A 70 12.10 -15.11 3.07
C VAL A 70 12.57 -16.33 3.86
N ALA A 71 12.28 -17.52 3.34
CA ALA A 71 12.66 -18.74 4.03
C ALA A 71 14.17 -18.88 4.16
N ASP A 72 14.90 -18.63 3.05
CA ASP A 72 16.36 -18.68 3.08
C ASP A 72 16.92 -17.74 4.12
N TRP A 73 16.40 -16.50 4.14
CA TRP A 73 16.90 -15.48 5.06
C TRP A 73 16.67 -15.91 6.50
N GLU A 74 15.46 -16.35 6.82
CA GLU A 74 15.18 -16.81 8.17
C GLU A 74 16.06 -18.01 8.51
N GLU A 75 16.34 -18.87 7.54
CA GLU A 75 17.17 -20.08 7.86
C GLU A 75 18.61 -19.64 8.10
N ILE A 76 19.15 -18.79 7.24
CA ILE A 76 20.56 -18.44 7.34
C ILE A 76 20.80 -17.55 8.54
N GLU A 77 19.96 -16.53 8.73
CA GLU A 77 20.20 -15.56 9.80
C GLU A 77 19.72 -16.05 11.15
N HIS A 78 18.64 -16.85 11.19
CA HIS A 78 18.01 -17.23 12.48
C HIS A 78 17.87 -18.75 12.69
N ARG A 79 18.39 -19.55 11.77
CA ARG A 79 18.33 -21.03 11.89
C ARG A 79 16.89 -21.49 12.06
N ALA A 80 15.95 -20.80 11.41
CA ALA A 80 14.54 -21.08 11.63
C ALA A 80 13.86 -20.93 10.27
N ARG A 81 13.88 -22.02 9.55
CA ARG A 81 13.33 -22.01 8.18
C ARG A 81 11.82 -22.21 8.20
N PRO A 82 11.00 -21.19 7.89
CA PRO A 82 9.56 -21.44 7.77
C PRO A 82 9.27 -22.18 6.47
N LYS A 83 8.14 -22.87 6.46
CA LYS A 83 7.64 -23.44 5.22
C LYS A 83 7.15 -22.32 4.31
N GLU A 84 7.54 -22.37 3.04
CA GLU A 84 7.22 -21.27 2.13
C GLU A 84 5.71 -21.08 2.01
N ASP A 85 4.95 -22.16 2.06
CA ASP A 85 3.50 -22.10 1.97
C ASP A 85 2.86 -21.35 3.14
N TRP A 86 3.59 -21.13 4.23
CA TRP A 86 3.06 -20.36 5.35
C TRP A 86 3.05 -18.86 5.07
N CYS A 87 3.72 -18.41 4.01
CA CYS A 87 4.07 -17.01 3.86
C CYS A 87 3.06 -16.28 2.99
N VAL A 88 2.68 -15.08 3.41
CA VAL A 88 1.73 -14.24 2.67
C VAL A 88 2.29 -12.83 2.57
N PHE A 89 2.45 -12.33 1.35
CA PHE A 89 2.92 -10.96 1.19
C PHE A 89 1.93 -9.96 1.80
N ALA A 90 2.47 -8.93 2.46
CA ALA A 90 1.69 -7.76 2.81
C ALA A 90 2.54 -6.53 2.60
N SER A 91 1.90 -5.39 2.36
CA SER A 91 2.70 -4.21 2.06
C SER A 91 3.30 -3.57 3.30
N GLY A 92 2.94 -4.01 4.50
CA GLY A 92 3.47 -3.39 5.72
C GLY A 92 3.04 -4.18 6.94
N VAL A 93 3.87 -4.09 7.98
CA VAL A 93 3.60 -4.84 9.20
C VAL A 93 2.43 -4.23 9.96
N VAL A 94 2.45 -2.92 10.15
CA VAL A 94 1.35 -2.26 10.86
C VAL A 94 0.06 -2.37 10.07
N PRO A 95 0.02 -2.16 8.75
CA PRO A 95 -1.21 -2.46 8.00
C PRO A 95 -1.67 -3.90 8.13
N ALA A 96 -0.75 -4.88 8.18
CA ALA A 96 -1.17 -6.26 8.36
C ALA A 96 -1.82 -6.47 9.72
N ILE A 97 -1.27 -5.84 10.77
CA ILE A 97 -1.88 -5.94 12.09
C ILE A 97 -3.27 -5.32 12.06
N SER A 98 -3.40 -4.16 11.41
CA SER A 98 -4.68 -3.50 11.32
C SER A 98 -5.72 -4.38 10.61
N ALA A 99 -5.32 -5.01 9.50
CA ALA A 99 -6.24 -5.90 8.81
C ALA A 99 -6.64 -7.09 9.70
N MET A 100 -5.71 -7.63 10.47
CA MET A 100 -6.00 -8.81 11.28
C MET A 100 -6.80 -8.46 12.53
N VAL A 101 -6.60 -7.26 13.09
CA VAL A 101 -7.50 -6.77 14.13
C VAL A 101 -8.95 -6.79 13.63
N ARG A 102 -9.18 -6.26 12.43
CA ARG A 102 -10.55 -6.22 11.93
C ARG A 102 -11.08 -7.61 11.61
N GLN A 103 -10.21 -8.53 11.21
CA GLN A 103 -10.65 -9.84 10.74
C GLN A 103 -10.87 -10.85 11.85
N PHE A 104 -10.10 -10.76 12.93
CA PHE A 104 -10.01 -11.81 13.94
C PHE A 104 -10.51 -11.38 15.31
N THR A 105 -10.98 -10.14 15.46
CA THR A 105 -11.64 -9.67 16.68
C THR A 105 -12.89 -8.90 16.30
N SER A 106 -13.70 -8.60 17.31
CA SER A 106 -14.93 -7.85 17.13
C SER A 106 -14.80 -6.46 17.74
N PRO A 107 -15.51 -5.46 17.23
CA PRO A 107 -15.51 -4.14 17.89
C PRO A 107 -15.84 -4.28 19.37
N GLY A 108 -15.05 -3.62 20.19
CA GLY A 108 -15.22 -3.68 21.63
C GLY A 108 -14.40 -4.75 22.31
N ASP A 109 -13.90 -5.74 21.56
CA ASP A 109 -13.05 -6.76 22.15
C ASP A 109 -11.75 -6.15 22.63
N GLN A 110 -11.11 -6.86 23.55
CA GLN A 110 -9.85 -6.42 24.11
C GLN A 110 -8.70 -7.12 23.40
N ILE A 111 -7.60 -6.39 23.24
CA ILE A 111 -6.41 -6.90 22.59
C ILE A 111 -5.24 -6.56 23.49
N LEU A 112 -4.46 -7.58 23.86
CA LEU A 112 -3.47 -7.43 24.91
C LEU A 112 -2.12 -7.03 24.34
N VAL A 113 -1.48 -6.06 24.97
CA VAL A 113 -0.10 -5.68 24.69
C VAL A 113 0.67 -5.67 26.00
N GLN A 114 1.99 -5.44 25.90
CA GLN A 114 2.87 -5.41 27.07
C GLN A 114 3.53 -4.03 27.15
N GLU A 115 2.89 -3.13 27.90
CA GLU A 115 3.37 -1.76 27.98
C GLU A 115 4.66 -1.70 28.80
N PRO A 116 5.62 -0.83 28.44
CA PRO A 116 5.59 0.13 27.33
C PRO A 116 5.90 -0.57 26.01
N VAL A 117 5.21 -0.18 24.92
CA VAL A 117 5.41 -0.82 23.64
C VAL A 117 5.14 0.18 22.53
N TYR A 118 5.61 -0.18 21.34
CA TYR A 118 5.48 0.63 20.13
C TYR A 118 4.12 1.31 20.01
N ASN A 119 4.17 2.63 19.81
CA ASN A 119 2.96 3.45 19.91
C ASN A 119 1.92 3.08 18.86
N MET A 120 2.33 2.54 17.71
CA MET A 120 1.34 2.23 16.68
C MET A 120 0.46 1.04 17.05
N PHE A 121 0.88 0.21 18.00
CA PHE A 121 -0.02 -0.83 18.51
C PHE A 121 -1.31 -0.23 19.05
N TYR A 122 -1.19 0.83 19.84
CA TYR A 122 -2.36 1.51 20.39
C TYR A 122 -3.20 2.13 19.28
N SER A 123 -2.56 2.78 18.31
CA SER A 123 -3.26 3.41 17.19
C SER A 123 -4.11 2.41 16.44
N VAL A 124 -3.55 1.25 16.10
CA VAL A 124 -4.31 0.33 15.28
C VAL A 124 -5.38 -0.40 16.10
N ILE A 125 -5.14 -0.62 17.39
CA ILE A 125 -6.16 -1.26 18.21
C ILE A 125 -7.32 -0.31 18.46
N GLU A 126 -7.03 0.89 18.95
CA GLU A 126 -8.07 1.83 19.33
C GLU A 126 -8.72 2.48 18.10
N GLY A 127 -7.95 2.76 17.05
CA GLY A 127 -8.52 3.34 15.85
C GLY A 127 -9.51 2.42 15.16
N ASN A 128 -9.32 1.10 15.33
CA ASN A 128 -10.28 0.12 14.82
C ASN A 128 -11.40 -0.20 15.82
N GLY A 129 -11.46 0.49 16.95
CA GLY A 129 -12.58 0.25 17.84
C GLY A 129 -12.43 -0.98 18.72
N ARG A 130 -11.22 -1.42 18.95
CA ARG A 130 -10.94 -2.45 19.93
C ARG A 130 -10.29 -1.75 21.13
N ARG A 131 -10.21 -2.47 22.24
CA ARG A 131 -9.78 -1.88 23.50
C ARG A 131 -8.44 -2.46 23.91
N VAL A 132 -7.47 -1.59 24.18
CA VAL A 132 -6.17 -2.02 24.67
C VAL A 132 -6.32 -2.52 26.09
N ILE A 133 -5.80 -3.72 26.36
CA ILE A 133 -5.51 -4.16 27.71
C ILE A 133 -4.02 -4.46 27.78
N SER A 134 -3.40 -4.09 28.89
CA SER A 134 -1.97 -4.32 29.03
C SER A 134 -1.70 -5.20 30.25
N SER A 135 -0.79 -6.17 30.07
CA SER A 135 -0.05 -6.75 31.18
C SER A 135 1.27 -5.98 31.20
N ASP A 136 1.33 -4.95 32.05
CA ASP A 136 2.48 -4.06 32.07
C ASP A 136 3.74 -4.86 32.37
N LEU A 137 4.82 -4.53 31.66
CA LEU A 137 6.12 -5.03 32.06
C LEU A 137 6.49 -4.41 33.39
N ILE A 138 7.05 -5.21 34.29
CA ILE A 138 7.48 -4.71 35.59
C ILE A 138 8.87 -4.12 35.44
N TYR A 139 9.06 -2.91 35.96
CA TYR A 139 10.35 -2.21 35.81
C TYR A 139 10.99 -2.09 37.20
N GLU A 140 12.11 -2.78 37.39
CA GLU A 140 12.87 -2.73 38.64
C GLU A 140 14.34 -2.91 38.29
N ASN A 141 15.22 -2.14 38.95
CA ASN A 141 16.67 -2.31 38.77
C ASN A 141 17.10 -2.12 37.31
N SER A 142 16.54 -1.12 36.62
CA SER A 142 16.90 -0.81 35.23
C SER A 142 16.64 -1.97 34.28
N LYS A 143 15.69 -2.85 34.61
CA LYS A 143 15.36 -3.92 33.70
C LYS A 143 13.87 -4.22 33.80
N TYR A 144 13.32 -4.73 32.70
CA TYR A 144 11.91 -5.06 32.60
C TYR A 144 11.74 -6.56 32.72
N SER A 145 10.60 -6.98 33.28
CA SER A 145 10.29 -8.41 33.35
C SER A 145 8.78 -8.59 33.24
N VAL A 146 8.37 -9.85 33.08
CA VAL A 146 6.97 -10.21 32.84
C VAL A 146 6.35 -10.73 34.13
N ASN A 147 5.15 -10.23 34.46
CA ASN A 147 4.32 -10.82 35.51
C ASN A 147 3.47 -11.91 34.85
N TRP A 148 3.93 -13.16 34.97
CA TRP A 148 3.28 -14.26 34.24
C TRP A 148 1.89 -14.56 34.77
N ALA A 149 1.67 -14.40 36.07
CA ALA A 149 0.33 -14.61 36.60
C ALA A 149 -0.64 -13.58 36.04
N ASP A 150 -0.24 -12.32 36.06
CA ASP A 150 -1.07 -11.25 35.51
C ASP A 150 -1.33 -11.46 34.02
N LEU A 151 -0.27 -11.80 33.27
CA LEU A 151 -0.42 -12.03 31.84
C LEU A 151 -1.43 -13.13 31.57
N GLU A 152 -1.34 -14.25 32.29
CA GLU A 152 -2.24 -15.37 32.02
C GLU A 152 -3.67 -15.03 32.42
N GLU A 153 -3.85 -14.37 33.56
CA GLU A 153 -5.18 -13.98 34.02
C GLU A 153 -5.87 -13.09 32.98
N LYS A 154 -5.12 -12.20 32.36
CA LYS A 154 -5.71 -11.34 31.34
C LYS A 154 -5.97 -12.09 30.05
N LEU A 155 -5.04 -12.96 29.62
CA LEU A 155 -5.28 -13.76 28.42
C LEU A 155 -6.50 -14.66 28.58
N ALA A 156 -6.75 -15.13 29.80
CA ALA A 156 -7.89 -16.01 30.09
C ALA A 156 -9.22 -15.28 30.11
N THR A 157 -9.21 -13.97 30.09
CA THR A 157 -10.47 -13.22 30.07
C THR A 157 -11.19 -13.44 28.74
N PRO A 158 -12.47 -13.82 28.76
CA PRO A 158 -13.12 -14.15 27.48
C PRO A 158 -13.06 -13.04 26.44
N SER A 159 -13.18 -11.78 26.85
CA SER A 159 -13.15 -10.67 25.89
C SER A 159 -11.76 -10.37 25.37
N VAL A 160 -10.72 -10.96 25.94
CA VAL A 160 -9.36 -10.77 25.43
C VAL A 160 -9.14 -11.80 24.34
N ARG A 161 -9.09 -11.34 23.09
CA ARG A 161 -9.16 -12.22 21.94
C ARG A 161 -7.88 -12.30 21.13
N MET A 162 -6.96 -11.37 21.33
CA MET A 162 -5.75 -11.30 20.53
C MET A 162 -4.66 -10.71 21.41
N MET A 163 -3.42 -11.14 21.19
CA MET A 163 -2.26 -10.53 21.80
C MET A 163 -1.31 -10.04 20.71
N VAL A 164 -0.94 -8.76 20.78
CA VAL A 164 0.04 -8.21 19.86
C VAL A 164 1.36 -8.15 20.61
N PHE A 165 2.29 -8.98 20.16
CA PHE A 165 3.53 -9.30 20.83
C PHE A 165 4.65 -8.71 20.00
N CYS A 166 5.49 -7.89 20.63
CA CYS A 166 6.62 -7.23 19.96
C CYS A 166 7.87 -8.06 20.22
N ASN A 167 8.44 -8.65 19.18
CA ASN A 167 9.48 -9.66 19.34
C ASN A 167 10.56 -9.53 18.28
N PRO A 168 11.68 -8.83 18.55
CA PRO A 168 12.07 -8.14 19.78
C PRO A 168 11.19 -6.95 20.12
N HIS A 169 11.16 -6.63 21.41
CA HIS A 169 10.29 -5.60 21.96
C HIS A 169 10.87 -4.21 21.76
N ASN A 170 10.04 -3.34 21.17
CA ASN A 170 10.31 -1.91 20.95
C ASN A 170 9.31 -1.20 21.87
N PRO A 171 9.75 -0.27 22.76
CA PRO A 171 11.04 0.42 22.61
C PRO A 171 12.21 -0.02 23.50
N ILE A 172 12.01 -1.06 24.28
CA ILE A 172 13.04 -1.40 25.26
C ILE A 172 14.22 -2.14 24.62
N GLY A 173 14.04 -2.68 23.41
CA GLY A 173 15.12 -3.32 22.68
C GLY A 173 15.50 -4.68 23.21
N TYR A 174 14.51 -5.55 23.43
CA TYR A 174 14.72 -6.84 24.08
C TYR A 174 14.25 -7.98 23.21
N ALA A 175 15.18 -8.83 22.77
CA ALA A 175 14.82 -10.06 22.07
C ALA A 175 14.55 -11.14 23.10
N TRP A 176 13.28 -11.54 23.18
CA TRP A 176 12.82 -12.56 24.13
C TRP A 176 13.58 -13.86 23.94
N SER A 177 13.79 -14.56 25.05
CA SER A 177 14.42 -15.87 25.01
C SER A 177 13.48 -16.90 24.40
N GLU A 178 14.06 -18.03 23.98
CA GLU A 178 13.25 -19.12 23.43
C GLU A 178 12.20 -19.56 24.43
N GLU A 179 12.58 -19.70 25.71
CA GLU A 179 11.62 -20.11 26.74
C GLU A 179 10.51 -19.08 26.89
N GLU A 180 10.84 -17.79 26.75
CA GLU A 180 9.82 -16.74 26.90
C GLU A 180 8.83 -16.77 25.73
N VAL A 181 9.34 -16.87 24.49
CA VAL A 181 8.45 -16.89 23.33
C VAL A 181 7.54 -18.12 23.39
N LYS A 182 8.12 -19.28 23.73
CA LYS A 182 7.32 -20.50 23.81
C LYS A 182 6.28 -20.42 24.93
N ARG A 183 6.66 -19.80 26.05
CA ARG A 183 5.72 -19.67 27.16
C ARG A 183 4.55 -18.79 26.78
N ILE A 184 4.82 -17.67 26.12
CA ILE A 184 3.74 -16.76 25.73
C ILE A 184 2.85 -17.41 24.70
N ALA A 185 3.44 -18.10 23.70
CA ALA A 185 2.64 -18.80 22.70
C ALA A 185 1.75 -19.88 23.34
N GLU A 186 2.29 -20.64 24.29
CA GLU A 186 1.47 -21.68 24.90
C GLU A 186 0.35 -21.09 25.73
N LEU A 187 0.62 -19.98 26.44
CA LEU A 187 -0.44 -19.29 27.16
C LEU A 187 -1.55 -18.85 26.20
N CYS A 188 -1.16 -18.28 25.05
CA CYS A 188 -2.12 -17.83 24.07
C CYS A 188 -2.94 -19.00 23.55
N ALA A 189 -2.28 -20.09 23.15
CA ALA A 189 -2.99 -21.25 22.61
C ALA A 189 -3.93 -21.85 23.65
N LYS A 190 -3.44 -22.00 24.88
CA LYS A 190 -4.23 -22.54 25.99
C LYS A 190 -5.54 -21.78 26.16
N HIS A 191 -5.56 -20.48 25.89
CA HIS A 191 -6.73 -19.66 26.14
C HIS A 191 -7.38 -19.20 24.84
N GLN A 192 -7.02 -19.82 23.73
CA GLN A 192 -7.61 -19.53 22.43
C GLN A 192 -7.51 -18.04 22.11
N VAL A 193 -6.32 -17.50 22.32
CA VAL A 193 -5.98 -16.12 21.98
C VAL A 193 -5.02 -16.17 20.80
N LEU A 194 -5.30 -15.42 19.76
CA LEU A 194 -4.37 -15.34 18.61
C LEU A 194 -3.15 -14.48 18.97
N LEU A 195 -1.99 -15.06 18.78
CA LEU A 195 -0.73 -14.35 19.04
C LEU A 195 -0.21 -13.74 17.75
N ILE A 196 -0.17 -12.40 17.69
CA ILE A 196 0.41 -11.69 16.56
C ILE A 196 1.81 -11.27 16.98
N SER A 197 2.83 -11.87 16.37
CA SER A 197 4.22 -11.64 16.79
C SER A 197 4.86 -10.72 15.75
N ASP A 198 5.08 -9.47 16.15
CA ASP A 198 5.68 -8.46 15.29
C ASP A 198 7.19 -8.59 15.44
N GLU A 199 7.84 -9.12 14.41
CA GLU A 199 9.28 -9.48 14.47
C GLU A 199 10.08 -8.58 13.55
N ILE A 200 9.63 -7.33 13.44
CA ILE A 200 10.27 -6.46 12.47
C ILE A 200 11.67 -6.05 12.92
N HIS A 201 11.99 -6.14 14.21
CA HIS A 201 13.33 -5.89 14.71
C HIS A 201 14.19 -7.15 14.81
N GLY A 202 13.71 -8.27 14.27
CA GLY A 202 14.31 -9.57 14.54
C GLY A 202 15.68 -9.78 13.94
N ASP A 203 16.02 -9.01 12.90
CA ASP A 203 17.35 -9.07 12.29
C ASP A 203 18.35 -8.16 12.97
N LEU A 204 17.96 -7.47 14.03
CA LEU A 204 18.82 -6.46 14.62
C LEU A 204 19.17 -6.80 16.07
N VAL A 205 19.30 -8.09 16.37
CA VAL A 205 19.86 -8.50 17.66
C VAL A 205 21.35 -8.27 17.60
N LEU A 206 21.87 -7.50 18.57
CA LEU A 206 23.26 -7.06 18.52
C LEU A 206 24.22 -7.90 19.34
N THR A 207 23.71 -8.69 20.28
CA THR A 207 24.51 -9.63 21.05
C THR A 207 24.63 -10.94 20.27
N ASP A 208 25.15 -11.99 20.89
CA ASP A 208 25.25 -13.29 20.24
C ASP A 208 23.96 -14.10 20.37
N GLU A 209 22.94 -13.51 20.94
CA GLU A 209 21.64 -14.16 21.04
C GLU A 209 20.89 -13.99 19.73
N ASP A 210 19.81 -14.71 19.63
CA ASP A 210 19.01 -14.55 18.40
C ASP A 210 17.52 -14.54 18.72
N ILE A 211 16.71 -14.11 17.77
CA ILE A 211 15.28 -14.16 17.91
C ILE A 211 14.80 -15.61 17.85
N THR A 212 13.74 -15.90 18.61
CA THR A 212 12.93 -17.09 18.43
C THR A 212 11.65 -16.63 17.74
N PRO A 213 11.49 -16.81 16.43
CA PRO A 213 10.22 -16.44 15.78
C PRO A 213 9.07 -17.26 16.32
N ALA A 214 7.90 -16.62 16.40
CA ALA A 214 6.71 -17.32 16.89
C ALA A 214 6.40 -18.55 16.05
N PHE A 215 6.65 -18.50 14.74
CA PHE A 215 6.30 -19.65 13.91
C PHE A 215 7.08 -20.90 14.26
N THR A 216 8.13 -20.82 15.08
CA THR A 216 8.89 -22.02 15.44
C THR A 216 8.34 -22.77 16.64
N VAL A 217 7.33 -22.23 17.33
CA VAL A 217 6.80 -22.95 18.50
C VAL A 217 6.17 -24.26 18.06
N ASP A 218 6.10 -25.21 18.99
CA ASP A 218 5.60 -26.53 18.64
C ASP A 218 4.11 -26.49 18.35
N TRP A 219 3.64 -27.55 17.67
CA TRP A 219 2.30 -27.52 17.10
C TRP A 219 1.17 -27.49 18.12
N ASP A 220 1.44 -27.76 19.40
CA ASP A 220 0.42 -27.45 20.42
C ASP A 220 -0.06 -26.01 20.31
N ALA A 221 0.81 -25.10 19.90
CA ALA A 221 0.53 -23.68 19.90
C ALA A 221 0.75 -23.02 18.56
N LYS A 222 1.46 -23.68 17.64
CA LYS A 222 1.81 -23.05 16.37
C LYS A 222 0.57 -22.66 15.57
N ASN A 223 -0.56 -23.32 15.81
CA ASN A 223 -1.78 -22.97 15.09
C ASN A 223 -2.37 -21.64 15.56
N TRP A 224 -1.83 -21.05 16.61
CA TRP A 224 -2.37 -19.82 17.17
C TRP A 224 -1.45 -18.63 16.94
N VAL A 225 -0.45 -18.74 16.07
CA VAL A 225 0.55 -17.69 15.94
C VAL A 225 0.58 -17.13 14.52
N VAL A 226 0.92 -15.85 14.44
CA VAL A 226 1.24 -15.16 13.20
C VAL A 226 2.56 -14.42 13.43
N SER A 227 3.57 -14.70 12.60
CA SER A 227 4.83 -13.95 12.61
C SER A 227 4.83 -12.92 11.49
N LEU A 228 5.19 -11.68 11.80
CA LEU A 228 5.28 -10.63 10.80
C LEU A 228 6.71 -10.13 10.69
N ILE A 229 7.23 -10.10 9.45
CA ILE A 229 8.60 -9.67 9.18
C ILE A 229 8.60 -8.72 7.99
N SER A 230 9.71 -8.01 7.82
CA SER A 230 9.83 -7.04 6.74
C SER A 230 11.29 -6.66 6.60
N PRO A 231 11.78 -6.36 5.39
CA PRO A 231 13.12 -5.78 5.26
C PRO A 231 13.19 -4.33 5.72
N SER A 232 12.07 -3.71 6.09
CA SER A 232 12.05 -2.25 6.19
C SER A 232 12.98 -1.74 7.30
N LYS A 233 12.86 -2.27 8.52
CA LYS A 233 13.74 -1.81 9.59
C LYS A 233 15.18 -2.24 9.36
N THR A 234 15.38 -3.50 8.99
CA THR A 234 16.71 -4.06 8.85
C THR A 234 17.54 -3.29 7.82
N PHE A 235 16.92 -2.91 6.70
CA PHE A 235 17.68 -2.44 5.55
C PHE A 235 17.44 -0.99 5.21
N ASN A 236 16.71 -0.26 6.07
CA ASN A 236 16.36 1.16 5.84
C ASN A 236 15.47 1.34 4.61
N LEU A 237 14.35 0.62 4.59
CA LEU A 237 13.43 0.53 3.47
C LEU A 237 12.00 0.73 3.92
N ALA A 238 11.78 1.68 4.84
CA ALA A 238 10.44 1.98 5.32
C ALA A 238 9.49 2.27 4.16
N ALA A 239 9.94 3.01 3.16
CA ALA A 239 9.07 3.42 2.08
C ALA A 239 8.95 2.38 0.96
N LEU A 240 9.60 1.22 1.11
CA LEU A 240 9.50 0.17 0.09
C LEU A 240 8.15 -0.52 0.12
N HIS A 241 7.54 -0.64 1.31
CA HIS A 241 6.21 -1.26 1.46
C HIS A 241 6.24 -2.74 1.03
N ALA A 242 7.19 -3.49 1.61
CA ALA A 242 7.28 -4.94 1.45
C ALA A 242 7.37 -5.57 2.82
N ALA A 243 6.53 -6.57 3.09
CA ALA A 243 6.54 -7.30 4.36
C ALA A 243 6.01 -8.70 4.08
N CYS A 244 5.99 -9.53 5.11
CA CYS A 244 5.51 -10.88 4.91
C CYS A 244 4.93 -11.37 6.22
N ALA A 245 3.74 -11.95 6.16
CA ALA A 245 3.16 -12.66 7.29
C ALA A 245 3.49 -14.14 7.13
N ILE A 246 3.83 -14.78 8.23
CA ILE A 246 4.13 -16.21 8.26
C ILE A 246 3.08 -16.83 9.16
N ILE A 247 2.14 -17.57 8.57
CA ILE A 247 0.98 -18.07 9.31
C ILE A 247 0.88 -19.57 9.12
N PRO A 248 1.34 -20.37 10.08
CA PRO A 248 1.30 -21.83 9.88
C PRO A 248 -0.09 -22.40 9.72
N ASN A 249 -1.07 -21.88 10.42
CA ASN A 249 -2.42 -22.44 10.35
C ASN A 249 -3.03 -22.08 9.02
N PRO A 250 -3.42 -23.05 8.18
CA PRO A 250 -3.91 -22.71 6.84
C PRO A 250 -5.24 -21.99 6.83
N ASP A 251 -6.12 -22.25 7.80
CA ASP A 251 -7.40 -21.56 7.83
C ASP A 251 -7.21 -20.09 8.21
N LEU A 252 -6.40 -19.83 9.21
CA LEU A 252 -6.07 -18.43 9.57
C LEU A 252 -5.35 -17.77 8.41
N ARG A 253 -4.44 -18.50 7.77
CA ARG A 253 -3.68 -17.93 6.67
C ARG A 253 -4.59 -17.48 5.53
N ALA A 254 -5.56 -18.32 5.16
CA ALA A 254 -6.51 -17.96 4.11
C ALA A 254 -7.27 -16.69 4.48
N ARG A 255 -7.75 -16.62 5.73
CA ARG A 255 -8.55 -15.48 6.14
C ARG A 255 -7.70 -14.21 6.21
N ALA A 256 -6.47 -14.32 6.72
CA ALA A 256 -5.59 -13.15 6.74
C ALA A 256 -5.27 -12.66 5.34
N GLU A 257 -4.99 -13.59 4.42
CA GLU A 257 -4.65 -13.20 3.05
C GLU A 257 -5.81 -12.46 2.40
N GLU A 258 -7.04 -12.95 2.59
CA GLU A 258 -8.20 -12.25 2.08
C GLU A 258 -8.34 -10.87 2.72
N SER A 259 -8.06 -10.75 4.02
CA SER A 259 -8.16 -9.44 4.65
C SER A 259 -7.12 -8.47 4.07
N PHE A 260 -5.93 -8.96 3.75
CA PHE A 260 -4.92 -8.08 3.15
C PHE A 260 -5.38 -7.58 1.80
N PHE A 261 -5.90 -8.49 0.97
CA PHE A 261 -6.38 -8.09 -0.34
C PHE A 261 -7.51 -7.07 -0.22
N LEU A 262 -8.41 -7.28 0.74
CA LEU A 262 -9.54 -6.36 0.89
C LEU A 262 -9.07 -4.98 1.33
N ALA A 263 -8.08 -4.91 2.21
CA ALA A 263 -7.54 -3.65 2.67
C ALA A 263 -6.69 -2.94 1.62
N GLY A 264 -6.32 -3.62 0.53
CA GLY A 264 -5.42 -3.04 -0.45
C GLY A 264 -3.95 -3.14 -0.11
N ILE A 265 -3.57 -4.11 0.71
CA ILE A 265 -2.18 -4.24 1.13
C ILE A 265 -1.60 -5.59 0.74
N GLY A 266 -2.27 -6.33 -0.14
CA GLY A 266 -1.81 -7.64 -0.53
C GLY A 266 -1.09 -7.70 -1.86
N GLU A 267 -0.94 -6.59 -2.57
CA GLU A 267 -0.32 -6.60 -3.88
C GLU A 267 0.90 -5.70 -3.90
N PRO A 268 2.01 -6.16 -4.48
CA PRO A 268 3.26 -5.39 -4.40
C PRO A 268 3.26 -4.20 -5.36
N ASN A 269 3.93 -3.14 -4.91
CA ASN A 269 4.24 -2.05 -5.80
C ASN A 269 5.39 -2.47 -6.72
N LEU A 270 5.84 -1.53 -7.56
CA LEU A 270 6.77 -1.84 -8.63
C LEU A 270 8.17 -2.24 -8.15
N LEU A 271 8.54 -1.94 -6.91
CA LEU A 271 9.87 -2.28 -6.42
C LEU A 271 9.88 -3.33 -5.32
N ALA A 272 8.72 -3.60 -4.69
CA ALA A 272 8.68 -4.42 -3.49
C ALA A 272 9.31 -5.79 -3.72
N ILE A 273 8.97 -6.45 -4.82
CA ILE A 273 9.41 -7.84 -5.04
C ILE A 273 10.92 -7.89 -5.31
N PRO A 274 11.47 -7.28 -6.37
CA PRO A 274 12.92 -7.42 -6.59
C PRO A 274 13.76 -6.86 -5.46
N ALA A 275 13.34 -5.75 -4.83
CA ALA A 275 14.15 -5.17 -3.74
C ALA A 275 14.13 -6.06 -2.50
N ALA A 276 12.97 -6.60 -2.12
CA ALA A 276 12.93 -7.46 -0.95
C ALA A 276 13.71 -8.75 -1.19
N ILE A 277 13.63 -9.28 -2.41
CA ILE A 277 14.37 -10.51 -2.74
C ILE A 277 15.88 -10.27 -2.69
N ALA A 278 16.34 -9.14 -3.23
CA ALA A 278 17.77 -8.83 -3.17
C ALA A 278 18.20 -8.67 -1.72
N ALA A 279 17.40 -7.99 -0.91
CA ALA A 279 17.74 -7.83 0.51
C ALA A 279 17.86 -9.18 1.20
N TYR A 280 16.87 -10.06 1.01
CA TYR A 280 16.86 -11.32 1.73
C TYR A 280 17.79 -12.35 1.12
N GLU A 281 18.22 -12.18 -0.14
CA GLU A 281 19.19 -13.09 -0.72
C GLU A 281 20.63 -12.56 -0.64
N GLU A 282 20.83 -11.25 -0.70
CA GLU A 282 22.16 -10.69 -0.80
C GLU A 282 22.49 -9.69 0.30
N GLY A 283 21.63 -9.52 1.28
CA GLY A 283 21.91 -8.50 2.28
C GLY A 283 22.69 -8.96 3.49
N HIS A 284 23.14 -10.22 3.51
CA HIS A 284 23.78 -10.78 4.70
C HIS A 284 25.04 -10.02 5.06
N ASN A 285 25.89 -9.76 4.08
CA ASN A 285 27.17 -9.11 4.35
C ASN A 285 26.97 -7.68 4.81
N TRP A 286 26.06 -6.95 4.17
CA TRP A 286 25.78 -5.58 4.58
C TRP A 286 25.28 -5.53 6.02
N LEU A 287 24.33 -6.40 6.35
CA LEU A 287 23.79 -6.45 7.71
C LEU A 287 24.89 -6.78 8.73
N ARG A 288 25.77 -7.72 8.39
CA ARG A 288 26.87 -8.00 9.32
C ARG A 288 27.68 -6.73 9.62
N GLU A 289 27.97 -5.94 8.60
CA GLU A 289 28.74 -4.69 8.81
C GLU A 289 27.88 -3.67 9.58
N LEU A 290 26.60 -3.57 9.22
CA LEU A 290 25.70 -2.66 9.95
C LEU A 290 25.72 -2.97 11.45
N LYS A 291 25.64 -4.25 11.81
CA LYS A 291 25.59 -4.62 13.22
C LYS A 291 26.85 -4.16 13.96
N GLN A 292 28.01 -4.21 13.29
CA GLN A 292 29.21 -3.74 13.98
C GLN A 292 29.21 -2.23 14.13
N VAL A 293 28.69 -1.51 13.11
CA VAL A 293 28.54 -0.06 13.25
C VAL A 293 27.59 0.26 14.39
N LEU A 294 26.47 -0.47 14.48
CA LEU A 294 25.51 -0.21 15.56
C LEU A 294 26.11 -0.51 16.93
N ARG A 295 26.84 -1.62 17.06
CA ARG A 295 27.47 -1.91 18.34
C ARG A 295 28.46 -0.83 18.73
N ASP A 296 29.27 -0.35 17.77
CA ASP A 296 30.20 0.75 18.05
C ASP A 296 29.47 1.99 18.53
N ASN A 297 28.34 2.34 17.90
CA ASN A 297 27.61 3.53 18.32
C ASN A 297 27.02 3.35 19.71
N PHE A 298 26.45 2.16 19.99
CA PHE A 298 25.91 1.90 21.32
C PHE A 298 27.01 1.92 22.37
N ALA A 299 28.17 1.33 22.06
CA ALA A 299 29.31 1.37 22.97
C ALA A 299 29.74 2.80 23.24
N TYR A 300 29.84 3.60 22.18
CA TYR A 300 30.19 5.01 22.36
C TYR A 300 29.17 5.71 23.23
N ALA A 301 27.88 5.56 22.92
CA ALA A 301 26.85 6.27 23.65
C ALA A 301 26.82 5.85 25.11
N ARG A 302 26.92 4.56 25.39
CA ARG A 302 26.86 4.10 26.78
C ARG A 302 28.06 4.62 27.58
N GLU A 303 29.24 4.55 27.00
CA GLU A 303 30.43 5.00 27.72
C GLU A 303 30.41 6.51 27.91
N PHE A 304 30.03 7.26 26.88
CA PHE A 304 29.97 8.71 26.99
C PHE A 304 28.95 9.15 28.03
N LEU A 305 27.77 8.54 28.01
CA LEU A 305 26.71 8.98 28.91
C LEU A 305 27.02 8.56 30.35
N ALA A 306 27.62 7.39 30.53
CA ALA A 306 28.02 6.98 31.88
C ALA A 306 29.04 7.94 32.46
N LYS A 307 29.95 8.43 31.63
CA LYS A 307 31.03 9.31 32.08
C LYS A 307 30.59 10.76 32.17
N GLU A 308 29.72 11.22 31.26
CA GLU A 308 29.41 12.67 31.15
C GLU A 308 28.01 13.06 31.60
N VAL A 309 27.05 12.15 31.53
CA VAL A 309 25.69 12.44 31.93
C VAL A 309 25.20 11.32 32.86
N PRO A 310 25.76 11.19 34.06
CA PRO A 310 25.30 10.13 34.97
C PRO A 310 23.86 10.26 35.39
N GLU A 311 23.23 11.38 35.10
CA GLU A 311 21.81 11.60 35.48
C GLU A 311 20.85 10.80 34.57
N VAL A 312 21.36 10.20 33.50
CA VAL A 312 20.54 9.36 32.65
C VAL A 312 21.16 7.97 32.63
N LYS A 313 20.35 6.98 32.30
CA LYS A 313 20.82 5.59 32.25
C LYS A 313 20.32 4.93 30.96
N VAL A 314 21.25 4.63 30.06
CA VAL A 314 20.92 3.82 28.90
C VAL A 314 20.67 2.40 29.38
N LEU A 315 19.50 1.86 29.08
CA LEU A 315 19.19 0.53 29.55
C LEU A 315 20.01 -0.49 28.77
N ASP A 316 20.42 -1.56 29.46
CA ASP A 316 20.98 -2.69 28.75
C ASP A 316 19.93 -3.22 27.80
N SER A 317 20.34 -3.49 26.58
CA SER A 317 19.43 -3.97 25.55
C SER A 317 20.22 -4.87 24.64
N ASN A 318 19.54 -5.84 24.04
CA ASN A 318 20.24 -6.73 23.14
C ASN A 318 19.78 -6.63 21.69
N ALA A 319 18.81 -5.75 21.36
CA ALA A 319 18.28 -5.73 20.01
C ALA A 319 17.82 -4.33 19.62
N SER A 320 17.76 -4.10 18.30
CA SER A 320 17.29 -2.86 17.67
C SER A 320 18.37 -1.80 17.71
N TYR A 321 18.19 -0.72 16.95
CA TYR A 321 19.15 0.38 16.96
C TYR A 321 18.63 1.57 17.76
N LEU A 322 17.66 1.32 18.62
CA LEU A 322 17.00 2.35 19.39
C LEU A 322 17.43 2.21 20.84
N ALA A 323 18.00 3.26 21.41
CA ALA A 323 18.39 3.28 22.80
C ALA A 323 17.20 3.76 23.64
N TRP A 324 16.92 3.05 24.72
CA TRP A 324 15.85 3.36 25.66
C TRP A 324 16.55 3.88 26.90
N VAL A 325 16.34 5.15 27.22
CA VAL A 325 17.17 5.87 28.16
C VAL A 325 16.32 6.37 29.31
N ASP A 326 16.60 5.88 30.51
CA ASP A 326 15.88 6.22 31.74
C ASP A 326 16.32 7.61 32.17
N ILE A 327 15.41 8.58 32.10
CA ILE A 327 15.72 9.95 32.48
C ILE A 327 15.08 10.30 33.82
N SER A 328 14.64 9.30 34.60
CA SER A 328 13.91 9.57 35.83
C SER A 328 14.71 10.44 36.79
N ALA A 329 16.04 10.38 36.76
CA ALA A 329 16.87 11.17 37.68
C ALA A 329 16.84 12.65 37.31
N LEU A 330 16.45 12.97 36.08
CA LEU A 330 16.30 14.37 35.70
C LEU A 330 15.13 15.04 36.39
N GLY A 331 14.19 14.27 36.95
CA GLY A 331 13.03 14.87 37.57
C GLY A 331 12.15 15.67 36.63
N MET A 332 12.00 15.20 35.40
CA MET A 332 11.21 15.94 34.38
C MET A 332 10.46 14.97 33.47
N ASN A 333 9.20 15.25 33.21
CA ASN A 333 8.44 14.44 32.25
C ASN A 333 9.16 14.41 30.92
N ALA A 334 9.22 13.22 30.31
CA ALA A 334 9.99 13.08 29.08
C ALA A 334 9.50 14.02 27.98
N GLU A 335 8.18 14.24 27.88
CA GLU A 335 7.70 15.13 26.83
C GLU A 335 8.16 16.56 27.09
N ASP A 336 8.25 16.96 28.35
CA ASP A 336 8.76 18.31 28.67
C ASP A 336 10.24 18.37 28.36
N PHE A 337 10.94 17.30 28.71
CA PHE A 337 12.38 17.30 28.49
C PHE A 337 12.72 17.35 27.00
N CYS A 338 11.99 16.59 26.19
CA CYS A 338 12.35 16.54 24.77
C CYS A 338 12.03 17.85 24.07
N LYS A 339 10.94 18.52 24.45
CA LYS A 339 10.63 19.84 23.93
C LYS A 339 11.74 20.83 24.27
N TYR A 340 12.10 20.90 25.56
CA TYR A 340 13.19 21.77 25.98
C TYR A 340 14.48 21.44 25.24
N LEU A 341 14.77 20.14 25.10
CA LEU A 341 15.99 19.71 24.45
C LEU A 341 16.05 20.20 23.00
N ARG A 342 14.95 20.03 22.25
CA ARG A 342 14.94 20.53 20.87
C ARG A 342 15.09 22.04 20.83
N GLU A 343 14.39 22.76 21.72
CA GLU A 343 14.48 24.23 21.74
C GLU A 343 15.91 24.70 22.00
N LYS A 344 16.57 24.13 23.00
CA LYS A 344 17.86 24.66 23.44
C LYS A 344 19.04 24.11 22.65
N THR A 345 18.93 22.91 22.08
CA THR A 345 20.06 22.28 21.41
C THR A 345 19.78 21.86 19.97
N GLY A 346 18.52 21.79 19.54
CA GLY A 346 18.22 21.27 18.22
C GLY A 346 18.22 19.75 18.11
N LEU A 347 18.57 19.03 19.17
CA LEU A 347 18.49 17.57 19.13
C LEU A 347 17.05 17.13 19.28
N ILE A 348 16.57 16.29 18.36
CA ILE A 348 15.19 15.83 18.38
C ILE A 348 15.19 14.33 18.67
N ILE A 349 14.77 13.94 19.87
CA ILE A 349 14.62 12.53 20.22
C ILE A 349 13.17 12.28 20.61
N SER A 350 12.82 11.01 20.76
CA SER A 350 11.45 10.62 21.08
C SER A 350 11.19 10.62 22.57
N ALA A 351 10.14 11.33 22.97
CA ALA A 351 9.69 11.20 24.34
C ALA A 351 9.07 9.82 24.53
N GLY A 352 9.27 9.23 25.70
CA GLY A 352 8.75 7.91 25.93
C GLY A 352 7.27 7.85 26.19
N ASN A 353 6.62 9.01 26.37
CA ASN A 353 5.22 9.03 26.81
C ASN A 353 4.33 8.25 25.86
N GLY A 354 4.59 8.36 24.54
CA GLY A 354 3.75 7.71 23.54
C GLY A 354 3.73 6.20 23.63
N TYR A 355 4.74 5.61 24.28
CA TYR A 355 4.79 4.17 24.43
C TYR A 355 3.99 3.69 25.63
N ARG A 356 3.35 4.60 26.36
CA ARG A 356 2.56 4.33 27.56
C ARG A 356 3.45 3.59 28.56
N GLY A 357 2.89 2.67 29.34
CA GLY A 357 3.69 2.06 30.39
C GLY A 357 4.31 3.12 31.27
N ASN A 358 5.60 2.94 31.59
CA ASN A 358 6.37 3.91 32.34
C ASN A 358 7.18 4.83 31.44
N GLY A 359 6.71 5.02 30.19
CA GLY A 359 7.44 5.74 29.17
C GLY A 359 7.68 7.21 29.48
N HIS A 360 6.91 7.81 30.39
CA HIS A 360 7.16 9.22 30.69
C HIS A 360 8.49 9.44 31.40
N GLU A 361 9.14 8.38 31.87
CA GLU A 361 10.45 8.47 32.50
C GLU A 361 11.58 8.11 31.56
N PHE A 362 11.31 8.03 30.25
CA PHE A 362 12.29 7.55 29.29
C PHE A 362 12.31 8.43 28.05
N VAL A 363 13.44 8.39 27.35
CA VAL A 363 13.50 8.89 26.00
C VAL A 363 14.08 7.78 25.12
N ARG A 364 13.76 7.85 23.84
CA ARG A 364 14.22 6.87 22.87
C ARG A 364 15.07 7.58 21.84
N ILE A 365 16.28 7.08 21.62
CA ILE A 365 17.27 7.71 20.76
C ILE A 365 17.69 6.74 19.68
N ASN A 366 17.63 7.21 18.45
CA ASN A 366 17.99 6.42 17.27
C ASN A 366 19.49 6.52 17.02
N LEU A 367 20.20 5.40 17.15
CA LEU A 367 21.64 5.39 16.94
C LEU A 367 22.05 4.85 15.58
N ALA A 368 21.09 4.65 14.67
CA ALA A 368 21.44 4.14 13.33
C ALA A 368 21.83 5.31 12.41
N CYS A 369 22.98 5.88 12.71
CA CYS A 369 23.50 7.00 11.94
C CYS A 369 25.03 7.01 12.10
N PRO A 370 25.72 7.70 11.20
CA PRO A 370 27.20 7.75 11.32
C PRO A 370 27.64 8.22 12.69
N LYS A 371 28.81 7.72 13.09
CA LYS A 371 29.36 8.05 14.40
C LYS A 371 29.46 9.55 14.62
N GLU A 372 29.77 10.31 13.56
CA GLU A 372 29.85 11.75 13.68
C GLU A 372 28.52 12.34 14.17
N LEU A 373 27.39 11.79 13.69
CA LEU A 373 26.09 12.24 14.18
C LEU A 373 25.81 11.74 15.59
N VAL A 374 26.31 10.55 15.96
CA VAL A 374 26.16 10.09 17.34
C VAL A 374 26.93 10.99 18.30
N ILE A 375 28.16 11.37 17.93
CA ILE A 375 28.96 12.24 18.78
C ILE A 375 28.27 13.59 18.94
N ASP A 376 27.79 14.17 17.84
CA ASP A 376 27.06 15.42 17.90
C ASP A 376 25.84 15.30 18.80
N GLY A 377 25.06 14.23 18.63
CA GLY A 377 23.85 14.07 19.40
C GLY A 377 24.12 13.89 20.89
N MET A 378 25.15 13.13 21.24
CA MET A 378 25.47 12.92 22.64
C MET A 378 25.91 14.23 23.31
N GLN A 379 26.68 15.05 22.59
CA GLN A 379 27.12 16.31 23.16
C GLN A 379 25.94 17.26 23.35
N ARG A 380 25.02 17.28 22.40
CA ARG A 380 23.81 18.09 22.56
C ARG A 380 23.00 17.60 23.75
N LEU A 381 22.87 16.27 23.91
CA LEU A 381 22.13 15.75 25.06
C LEU A 381 22.80 16.14 26.37
N LYS A 382 24.13 16.04 26.41
CA LYS A 382 24.88 16.47 27.62
C LYS A 382 24.62 17.95 27.88
N GLN A 383 24.74 18.77 26.85
CA GLN A 383 24.55 20.23 27.02
C GLN A 383 23.13 20.52 27.55
N GLY A 384 22.14 19.80 27.04
CA GLY A 384 20.77 20.00 27.51
C GLY A 384 20.63 19.59 28.97
N VAL A 385 21.25 18.48 29.34
CA VAL A 385 21.18 18.11 30.76
C VAL A 385 21.93 19.14 31.59
N LEU A 386 23.13 19.53 31.14
CA LEU A 386 23.93 20.52 31.85
C LEU A 386 23.17 21.82 32.09
N ASN A 387 22.35 22.24 31.12
CA ASN A 387 21.72 23.56 31.18
C ASN A 387 20.44 23.58 32.01
N LEU A 388 20.00 22.44 32.54
CA LEU A 388 18.80 22.44 33.38
C LEU A 388 19.05 23.09 34.72
N ASN A 389 20.13 22.68 35.42
CA ASN A 389 20.47 23.25 36.72
C ASN A 389 21.31 24.53 36.60
N ASN A 390 21.39 25.11 35.40
CA ASN A 390 21.95 26.44 35.20
C ASN A 390 20.84 27.45 34.91
N LYS B 4 6.39 11.46 -34.09
CA LYS B 4 6.24 10.93 -32.71
C LYS B 4 7.57 11.13 -31.96
N GLN B 5 7.56 11.90 -30.87
CA GLN B 5 8.79 12.09 -30.06
C GLN B 5 8.99 10.85 -29.16
N TYR B 6 7.91 10.14 -28.89
CA TYR B 6 8.00 9.01 -27.95
C TYR B 6 7.89 7.66 -28.66
N ASP B 7 8.16 6.59 -27.94
CA ASP B 7 8.20 5.24 -28.51
C ASP B 7 6.86 4.56 -28.22
N PHE B 8 6.07 4.32 -29.28
CA PHE B 8 4.86 3.53 -29.15
C PHE B 8 4.91 2.26 -30.02
N THR B 9 6.11 1.77 -30.31
CA THR B 9 6.26 0.57 -31.12
C THR B 9 6.90 -0.60 -30.40
N HIS B 10 7.77 -0.37 -29.43
CA HIS B 10 8.45 -1.48 -28.76
C HIS B 10 7.71 -1.85 -27.49
N VAL B 11 7.37 -3.12 -27.35
CA VAL B 11 6.77 -3.68 -26.15
C VAL B 11 7.81 -3.81 -25.04
N PRO B 12 7.60 -3.20 -23.88
CA PRO B 12 8.55 -3.36 -22.78
C PRO B 12 8.67 -4.81 -22.34
N LYS B 13 9.91 -5.25 -22.14
CA LYS B 13 10.19 -6.61 -21.67
C LYS B 13 10.09 -6.64 -20.15
N ARG B 14 9.15 -7.42 -19.65
CA ARG B 14 8.84 -7.44 -18.23
C ARG B 14 9.70 -8.48 -17.50
N GLN B 15 9.77 -8.33 -16.18
CA GLN B 15 10.31 -9.39 -15.35
C GLN B 15 9.28 -10.51 -15.22
N GLY B 16 9.66 -11.59 -14.56
CA GLY B 16 8.89 -12.82 -14.62
C GLY B 16 7.54 -12.79 -13.92
N ASN B 17 7.36 -11.88 -12.95
CA ASN B 17 6.12 -11.88 -12.18
C ASN B 17 5.07 -10.92 -12.76
N SER B 18 5.20 -10.55 -14.03
CA SER B 18 4.18 -9.73 -14.67
C SER B 18 2.90 -10.53 -14.85
N ILE B 19 1.77 -9.95 -14.45
CA ILE B 19 0.49 -10.62 -14.67
C ILE B 19 0.20 -10.74 -16.15
N LYS B 20 0.48 -9.70 -16.91
CA LYS B 20 0.06 -9.74 -18.33
C LYS B 20 0.96 -10.64 -19.17
N TRP B 21 2.24 -10.64 -18.87
CA TRP B 21 3.17 -11.34 -19.74
C TRP B 21 3.85 -12.52 -19.10
N GLY B 22 3.76 -12.68 -17.78
CA GLY B 22 4.44 -13.80 -17.14
C GLY B 22 3.75 -15.13 -17.45
N GLY B 23 4.58 -16.15 -17.66
CA GLY B 23 4.08 -17.50 -17.78
C GLY B 23 3.20 -17.75 -18.99
N LEU B 24 3.53 -17.06 -20.08
CA LEU B 24 2.72 -17.21 -21.28
C LEU B 24 3.36 -18.22 -22.22
N LYS B 25 2.54 -19.08 -22.84
CA LYS B 25 3.06 -19.94 -23.88
C LYS B 25 3.69 -19.09 -24.99
N GLU B 26 4.44 -19.69 -25.91
CA GLU B 26 5.08 -18.93 -27.02
C GLU B 26 4.01 -18.41 -27.97
N LYS B 27 4.18 -17.22 -28.53
CA LYS B 27 3.22 -16.68 -29.53
C LYS B 27 1.87 -16.33 -28.89
N GLU B 28 1.69 -16.56 -27.60
CA GLU B 28 0.44 -16.12 -26.98
C GLU B 28 0.42 -14.59 -26.99
N LEU B 29 -0.77 -14.02 -27.12
CA LEU B 29 -0.94 -12.58 -27.25
C LEU B 29 -1.92 -12.10 -26.18
N PRO B 30 -1.42 -11.50 -25.10
CA PRO B 30 -2.33 -11.06 -24.03
C PRO B 30 -2.91 -9.69 -24.38
N MET B 31 -4.23 -9.61 -24.41
CA MET B 31 -4.93 -8.35 -24.64
C MET B 31 -6.10 -8.23 -23.67
N TRP B 32 -5.91 -8.65 -22.42
CA TRP B 32 -7.01 -8.71 -21.46
C TRP B 32 -6.83 -7.67 -20.37
N ILE B 33 -5.89 -7.89 -19.45
CA ILE B 33 -5.73 -7.02 -18.29
C ILE B 33 -5.34 -5.59 -18.72
N ALA B 34 -5.83 -4.61 -17.98
CA ALA B 34 -5.76 -3.20 -18.38
C ALA B 34 -4.44 -2.60 -17.94
N GLU B 35 -3.38 -2.93 -18.69
CA GLU B 35 -2.12 -2.23 -18.63
C GLU B 35 -1.58 -2.13 -20.05
N MET B 36 -0.72 -1.15 -20.28
CA MET B 36 -0.27 -0.85 -21.62
C MET B 36 0.98 -1.64 -21.99
N ASP B 37 1.14 -1.84 -23.29
CA ASP B 37 2.40 -2.35 -23.81
C ASP B 37 3.22 -1.24 -24.46
N PHE B 38 3.27 -0.07 -23.81
CA PHE B 38 4.14 1.03 -24.18
C PHE B 38 5.07 1.33 -23.00
N ARG B 39 6.30 1.75 -23.32
CA ARG B 39 7.17 2.35 -22.32
C ARG B 39 6.52 3.60 -21.73
N ILE B 40 6.82 3.90 -20.47
CA ILE B 40 6.27 5.10 -19.86
C ILE B 40 6.99 6.34 -20.38
N ALA B 41 6.39 7.49 -20.16
CA ALA B 41 6.98 8.74 -20.59
C ALA B 41 8.37 8.93 -19.99
N PRO B 42 9.37 9.34 -20.77
CA PRO B 42 10.73 9.45 -20.22
C PRO B 42 10.85 10.50 -19.13
N GLU B 43 9.97 11.50 -19.10
CA GLU B 43 9.97 12.47 -18.01
C GLU B 43 9.61 11.82 -16.67
N ILE B 44 8.74 10.79 -16.70
CA ILE B 44 8.45 10.08 -15.47
C ILE B 44 9.63 9.19 -15.07
N MET B 45 10.21 8.50 -16.06
CA MET B 45 11.39 7.67 -15.80
C MET B 45 12.52 8.49 -15.19
N THR B 46 12.73 9.70 -15.71
CA THR B 46 13.79 10.56 -15.16
C THR B 46 13.55 10.84 -13.68
N SER B 47 12.29 11.06 -13.30
CA SER B 47 12.00 11.38 -11.90
C SER B 47 12.25 10.18 -10.99
N MET B 48 11.89 8.98 -11.46
CA MET B 48 12.14 7.78 -10.67
C MET B 48 13.63 7.53 -10.49
N GLU B 49 14.42 7.66 -11.54
CA GLU B 49 15.87 7.43 -11.46
C GLU B 49 16.53 8.46 -10.53
N GLU B 50 16.05 9.70 -10.53
CA GLU B 50 16.59 10.75 -9.64
C GLU B 50 16.29 10.39 -8.18
N LYS B 51 15.08 9.91 -7.94
CA LYS B 51 14.72 9.57 -6.56
C LYS B 51 15.60 8.44 -6.04
N LEU B 52 15.94 7.46 -6.89
CA LEU B 52 16.76 6.35 -6.42
C LEU B 52 18.15 6.80 -6.01
N LYS B 53 18.59 7.96 -6.47
CA LYS B 53 19.92 8.51 -6.08
C LYS B 53 19.96 8.79 -4.56
N VAL B 54 18.81 8.90 -3.91
CA VAL B 54 18.84 9.11 -2.47
C VAL B 54 19.54 7.94 -1.79
N ALA B 55 19.32 6.72 -2.30
CA ALA B 55 19.96 5.49 -1.83
C ALA B 55 19.62 5.18 -0.38
N ALA B 56 18.52 5.73 0.12
CA ALA B 56 17.93 5.35 1.39
C ALA B 56 16.47 5.76 1.32
N PHE B 57 15.58 4.95 1.91
CA PHE B 57 14.17 5.12 1.65
C PHE B 57 13.36 4.99 2.93
N GLY B 58 13.50 6.00 3.78
CA GLY B 58 12.72 6.10 5.01
C GLY B 58 11.36 6.71 4.75
N TYR B 59 10.72 7.11 5.84
CA TYR B 59 9.33 7.53 5.78
C TYR B 59 9.17 8.82 5.00
N GLU B 60 8.07 8.91 4.23
CA GLU B 60 7.81 10.09 3.43
C GLU B 60 6.48 10.74 3.79
N SER B 61 6.46 12.06 3.64
CA SER B 61 5.25 12.87 3.73
C SER B 61 4.74 13.19 2.33
N VAL B 62 3.52 13.71 2.26
CA VAL B 62 2.93 14.13 1.00
C VAL B 62 3.16 15.65 0.88
N PRO B 63 3.96 16.10 -0.07
CA PRO B 63 4.29 17.54 -0.16
C PRO B 63 3.19 18.32 -0.85
N ALA B 64 3.18 19.63 -0.58
CA ALA B 64 2.25 20.51 -1.26
C ALA B 64 2.39 20.42 -2.77
N GLU B 65 3.61 20.19 -3.25
CA GLU B 65 3.85 20.05 -4.69
C GLU B 65 3.02 18.94 -5.29
N TYR B 66 2.68 17.91 -4.52
CA TYR B 66 1.87 16.83 -5.07
C TYR B 66 0.47 17.32 -5.37
N TYR B 67 -0.16 18.01 -4.42
CA TYR B 67 -1.51 18.52 -4.65
C TYR B 67 -1.52 19.60 -5.71
N LYS B 68 -0.48 20.45 -5.75
CA LYS B 68 -0.40 21.44 -6.82
C LYS B 68 -0.32 20.78 -8.19
N ALA B 69 0.48 19.71 -8.31
CA ALA B 69 0.60 18.99 -9.57
C ALA B 69 -0.75 18.41 -9.99
N VAL B 70 -1.48 17.84 -9.05
CA VAL B 70 -2.83 17.27 -9.35
C VAL B 70 -3.75 18.40 -9.82
N ALA B 71 -3.72 19.52 -9.12
CA ALA B 71 -4.62 20.62 -9.46
C ALA B 71 -4.27 21.23 -10.82
N ASP B 72 -2.99 21.44 -11.09
CA ASP B 72 -2.57 21.94 -12.40
C ASP B 72 -2.98 20.98 -13.50
N TRP B 73 -2.77 19.68 -13.27
CA TRP B 73 -3.10 18.68 -14.29
C TRP B 73 -4.58 18.72 -14.63
N GLU B 74 -5.43 18.71 -13.60
CA GLU B 74 -6.87 18.75 -13.83
C GLU B 74 -7.29 20.05 -14.51
N GLU B 75 -6.61 21.16 -14.20
CA GLU B 75 -6.95 22.42 -14.85
C GLU B 75 -6.58 22.39 -16.33
N ILE B 76 -5.34 21.98 -16.64
CA ILE B 76 -4.86 22.03 -18.02
C ILE B 76 -5.58 21.00 -18.87
N GLU B 77 -5.67 19.77 -18.39
CA GLU B 77 -6.24 18.71 -19.22
C GLU B 77 -7.76 18.73 -19.22
N HIS B 78 -8.41 19.17 -18.15
CA HIS B 78 -9.86 18.98 -18.04
C HIS B 78 -10.64 20.26 -17.77
N ARG B 79 -9.96 21.42 -17.79
CA ARG B 79 -10.60 22.72 -17.56
C ARG B 79 -11.36 22.74 -16.24
N ALA B 80 -10.83 22.08 -15.23
CA ALA B 80 -11.54 21.92 -13.96
C ALA B 80 -10.50 21.81 -12.84
N ARG B 81 -10.11 22.95 -12.28
CA ARG B 81 -9.09 22.95 -11.23
C ARG B 81 -9.74 22.64 -9.89
N PRO B 82 -9.31 21.60 -9.19
CA PRO B 82 -9.73 21.42 -7.80
C PRO B 82 -8.96 22.39 -6.91
N LYS B 83 -9.54 22.69 -5.76
CA LYS B 83 -8.75 23.35 -4.72
C LYS B 83 -7.72 22.37 -4.19
N GLU B 84 -6.49 22.85 -3.98
CA GLU B 84 -5.43 21.96 -3.55
C GLU B 84 -5.77 21.30 -2.21
N ASP B 85 -6.45 22.03 -1.32
CA ASP B 85 -6.76 21.45 -0.01
C ASP B 85 -7.87 20.39 -0.08
N TRP B 86 -8.51 20.20 -1.24
CA TRP B 86 -9.46 19.10 -1.39
C TRP B 86 -8.78 17.75 -1.54
N CYS B 87 -7.47 17.73 -1.74
CA CYS B 87 -6.78 16.55 -2.26
C CYS B 87 -6.16 15.75 -1.12
N VAL B 88 -6.26 14.43 -1.21
CA VAL B 88 -5.73 13.50 -0.21
C VAL B 88 -5.04 12.36 -0.95
N PHE B 89 -3.77 12.14 -0.66
CA PHE B 89 -3.07 11.00 -1.24
C PHE B 89 -3.64 9.66 -0.76
N ALA B 90 -3.74 8.69 -1.66
CA ALA B 90 -3.97 7.30 -1.28
C ALA B 90 -3.13 6.41 -2.17
N SER B 91 -2.75 5.25 -1.65
CA SER B 91 -1.92 4.29 -2.39
C SER B 91 -2.61 3.66 -3.59
N GLY B 92 -3.91 3.79 -3.73
CA GLY B 92 -4.53 3.29 -4.93
C GLY B 92 -6.02 3.56 -4.90
N VAL B 93 -6.63 3.48 -6.08
CA VAL B 93 -8.05 3.80 -6.19
C VAL B 93 -8.91 2.76 -5.49
N VAL B 94 -8.71 1.47 -5.82
CA VAL B 94 -9.54 0.43 -5.21
C VAL B 94 -9.29 0.32 -3.71
N PRO B 95 -8.05 0.32 -3.20
CA PRO B 95 -7.85 0.42 -1.74
C PRO B 95 -8.56 1.62 -1.13
N ALA B 96 -8.58 2.76 -1.83
CA ALA B 96 -9.29 3.92 -1.29
C ALA B 96 -10.79 3.67 -1.22
N ILE B 97 -11.38 3.10 -2.29
CA ILE B 97 -12.79 2.74 -2.23
C ILE B 97 -13.04 1.78 -1.08
N SER B 98 -12.16 0.79 -0.91
CA SER B 98 -12.37 -0.20 0.15
C SER B 98 -12.40 0.47 1.52
N ALA B 99 -11.50 1.42 1.76
CA ALA B 99 -11.46 2.13 3.03
C ALA B 99 -12.72 2.97 3.25
N MET B 100 -13.19 3.66 2.19
CA MET B 100 -14.40 4.47 2.32
C MET B 100 -15.66 3.60 2.47
N VAL B 101 -15.66 2.41 1.88
CA VAL B 101 -16.75 1.46 2.17
C VAL B 101 -16.81 1.19 3.67
N ARG B 102 -15.66 0.91 4.28
CA ARG B 102 -15.66 0.63 5.70
C ARG B 102 -15.98 1.88 6.53
N GLN B 103 -15.51 3.06 6.11
CA GLN B 103 -15.69 4.24 6.96
C GLN B 103 -17.08 4.84 6.84
N PHE B 104 -17.67 4.78 5.67
CA PHE B 104 -18.85 5.58 5.37
C PHE B 104 -20.10 4.76 5.22
N THR B 105 -20.03 3.45 5.35
CA THR B 105 -21.23 2.61 5.40
C THR B 105 -21.09 1.63 6.56
N SER B 106 -22.18 0.96 6.89
CA SER B 106 -22.13 -0.08 7.91
C SER B 106 -22.26 -1.46 7.28
N PRO B 107 -21.79 -2.51 7.97
CA PRO B 107 -22.03 -3.87 7.48
C PRO B 107 -23.50 -4.08 7.19
N GLY B 108 -23.78 -4.71 6.06
CA GLY B 108 -25.14 -4.95 5.64
C GLY B 108 -25.73 -3.88 4.76
N ASP B 109 -25.15 -2.67 4.76
CA ASP B 109 -25.67 -1.63 3.88
C ASP B 109 -25.45 -2.04 2.43
N GLN B 110 -26.30 -1.50 1.56
CA GLN B 110 -26.19 -1.74 0.13
C GLN B 110 -25.41 -0.61 -0.52
N ILE B 111 -24.63 -0.95 -1.53
CA ILE B 111 -23.84 0.01 -2.28
C ILE B 111 -24.18 -0.16 -3.75
N LEU B 112 -24.55 0.95 -4.39
CA LEU B 112 -25.10 0.90 -5.74
C LEU B 112 -24.00 1.02 -6.78
N VAL B 113 -24.07 0.17 -7.79
CA VAL B 113 -23.25 0.28 -8.99
C VAL B 113 -24.19 0.19 -10.18
N GLN B 114 -23.64 0.41 -11.38
CA GLN B 114 -24.41 0.36 -12.62
C GLN B 114 -23.79 -0.75 -13.49
N GLU B 115 -24.33 -1.96 -13.38
CA GLU B 115 -23.80 -3.10 -14.12
C GLU B 115 -24.08 -2.97 -15.62
N PRO B 116 -23.18 -3.45 -16.49
CA PRO B 116 -21.91 -4.09 -16.14
C PRO B 116 -20.86 -3.05 -15.77
N VAL B 117 -20.10 -3.39 -14.77
CA VAL B 117 -19.13 -2.41 -14.27
C VAL B 117 -17.90 -3.18 -13.84
N TYR B 118 -16.77 -2.47 -13.75
CA TYR B 118 -15.47 -3.01 -13.25
C TYR B 118 -15.65 -4.00 -12.13
N ASN B 119 -15.04 -5.14 -12.34
CA ASN B 119 -15.26 -6.25 -11.35
C ASN B 119 -14.79 -6.01 -9.91
N MET B 120 -13.77 -5.20 -9.73
CA MET B 120 -13.23 -5.03 -8.37
C MET B 120 -14.23 -4.28 -7.50
N PHE B 121 -15.16 -3.55 -8.14
CA PHE B 121 -16.20 -2.91 -7.33
C PHE B 121 -16.96 -3.95 -6.51
N TYR B 122 -17.30 -5.10 -7.14
CA TYR B 122 -18.03 -6.15 -6.44
C TYR B 122 -17.19 -6.77 -5.33
N SER B 123 -15.91 -7.00 -5.60
CA SER B 123 -15.00 -7.57 -4.60
C SER B 123 -14.99 -6.72 -3.34
N VAL B 124 -14.80 -5.40 -3.49
CA VAL B 124 -14.61 -4.58 -2.30
C VAL B 124 -15.92 -4.35 -1.57
N ILE B 125 -17.06 -4.34 -2.29
CA ILE B 125 -18.34 -4.20 -1.62
C ILE B 125 -18.65 -5.47 -0.85
N GLU B 126 -18.69 -6.61 -1.55
CA GLU B 126 -19.10 -7.87 -0.94
C GLU B 126 -18.06 -8.40 0.05
N GLY B 127 -16.77 -8.25 -0.28
CA GLY B 127 -15.75 -8.70 0.65
C GLY B 127 -15.76 -7.96 1.97
N ASN B 128 -16.19 -6.69 1.95
CA ASN B 128 -16.30 -5.90 3.17
C ASN B 128 -17.61 -6.13 3.92
N GLY B 129 -18.43 -7.07 3.48
CA GLY B 129 -19.71 -7.29 4.14
C GLY B 129 -20.74 -6.23 3.85
N ARG B 130 -20.66 -5.57 2.71
CA ARG B 130 -21.75 -4.76 2.21
C ARG B 130 -22.37 -5.50 1.03
N ARG B 131 -23.52 -5.02 0.56
CA ARG B 131 -24.30 -5.74 -0.43
C ARG B 131 -24.35 -4.91 -1.71
N VAL B 132 -24.02 -5.55 -2.83
CA VAL B 132 -24.12 -4.87 -4.12
C VAL B 132 -25.59 -4.74 -4.50
N ILE B 133 -25.99 -3.54 -4.90
CA ILE B 133 -27.25 -3.34 -5.62
C ILE B 133 -26.91 -2.65 -6.93
N SER B 134 -27.61 -3.02 -7.99
CA SER B 134 -27.35 -2.45 -9.30
C SER B 134 -28.60 -1.82 -9.87
N SER B 135 -28.44 -0.65 -10.45
CA SER B 135 -29.39 -0.15 -11.44
C SER B 135 -28.73 -0.50 -12.77
N ASP B 136 -29.12 -1.63 -13.34
CA ASP B 136 -28.46 -2.12 -14.55
C ASP B 136 -28.57 -1.07 -15.65
N LEU B 137 -27.50 -0.93 -16.41
CA LEU B 137 -27.59 -0.14 -17.63
C LEU B 137 -28.47 -0.88 -18.63
N ILE B 138 -29.35 -0.15 -19.29
CA ILE B 138 -30.24 -0.73 -20.28
C ILE B 138 -29.47 -0.85 -21.59
N TYR B 139 -29.48 -2.04 -22.19
CA TYR B 139 -28.82 -2.29 -23.47
C TYR B 139 -29.86 -2.52 -24.55
N GLU B 140 -29.94 -1.60 -25.50
CA GLU B 140 -30.80 -1.71 -26.68
C GLU B 140 -30.06 -1.11 -27.86
N ASN B 141 -30.17 -1.76 -29.01
CA ASN B 141 -29.61 -1.24 -30.26
C ASN B 141 -28.14 -0.86 -30.11
N SER B 142 -27.37 -1.76 -29.49
CA SER B 142 -25.92 -1.64 -29.37
C SER B 142 -25.49 -0.45 -28.51
N LYS B 143 -26.39 0.09 -27.70
CA LYS B 143 -26.07 1.23 -26.86
C LYS B 143 -26.60 0.99 -25.45
N TYR B 144 -25.85 1.45 -24.46
CA TYR B 144 -26.28 1.41 -23.07
C TYR B 144 -26.91 2.74 -22.69
N SER B 145 -27.87 2.69 -21.77
CA SER B 145 -28.47 3.90 -21.24
C SER B 145 -28.91 3.66 -19.81
N VAL B 146 -29.16 4.73 -19.11
CA VAL B 146 -29.54 4.71 -17.70
C VAL B 146 -31.06 4.70 -17.58
N ASN B 147 -31.57 3.84 -16.69
CA ASN B 147 -32.97 3.87 -16.28
C ASN B 147 -33.03 4.80 -15.08
N TRP B 148 -33.28 6.09 -15.34
CA TRP B 148 -33.12 7.09 -14.29
C TRP B 148 -34.11 6.91 -13.16
N ALA B 149 -35.33 6.46 -13.46
CA ALA B 149 -36.33 6.24 -12.41
C ALA B 149 -35.91 5.11 -11.50
N ASP B 150 -35.40 4.03 -12.09
CA ASP B 150 -34.91 2.90 -11.30
C ASP B 150 -33.72 3.30 -10.46
N LEU B 151 -32.76 3.99 -11.08
CA LEU B 151 -31.61 4.50 -10.34
C LEU B 151 -32.05 5.28 -9.10
N GLU B 152 -32.98 6.22 -9.29
CA GLU B 152 -33.36 7.06 -8.15
C GLU B 152 -34.09 6.27 -7.08
N GLU B 153 -34.99 5.36 -7.49
CA GLU B 153 -35.70 4.53 -6.52
C GLU B 153 -34.71 3.74 -5.66
N LYS B 154 -33.63 3.27 -6.27
CA LYS B 154 -32.66 2.50 -5.50
C LYS B 154 -31.84 3.41 -4.59
N LEU B 155 -31.40 4.57 -5.10
CA LEU B 155 -30.66 5.51 -4.25
C LEU B 155 -31.50 5.97 -3.06
N ALA B 156 -32.81 6.14 -3.27
CA ALA B 156 -33.72 6.57 -2.21
C ALA B 156 -34.03 5.47 -1.19
N THR B 157 -33.57 4.25 -1.42
CA THR B 157 -33.80 3.17 -0.47
C THR B 157 -32.96 3.42 0.78
N PRO B 158 -33.53 3.26 1.98
CA PRO B 158 -32.78 3.63 3.20
C PRO B 158 -31.47 2.90 3.36
N SER B 159 -31.40 1.61 3.01
CA SER B 159 -30.18 0.86 3.22
C SER B 159 -29.15 1.09 2.13
N VAL B 160 -29.50 1.79 1.05
CA VAL B 160 -28.54 2.11 0.00
C VAL B 160 -27.84 3.40 0.41
N ARG B 161 -26.54 3.28 0.74
CA ARG B 161 -25.84 4.35 1.42
C ARG B 161 -24.71 4.99 0.62
N MET B 162 -24.32 4.38 -0.48
CA MET B 162 -23.20 4.85 -1.29
C MET B 162 -23.43 4.39 -2.71
N MET B 163 -22.95 5.20 -3.65
CA MET B 163 -22.95 4.85 -5.06
C MET B 163 -21.51 4.91 -5.53
N VAL B 164 -21.03 3.82 -6.11
CA VAL B 164 -19.70 3.78 -6.70
C VAL B 164 -19.90 3.99 -8.19
N PHE B 165 -19.55 5.19 -8.64
CA PHE B 165 -19.86 5.71 -9.97
C PHE B 165 -18.59 5.66 -10.79
N CYS B 166 -18.64 4.99 -11.93
CA CYS B 166 -17.45 4.75 -12.73
C CYS B 166 -17.48 5.78 -13.85
N ASN B 167 -16.61 6.78 -13.76
CA ASN B 167 -16.70 7.98 -14.63
C ASN B 167 -15.31 8.36 -15.16
N PRO B 168 -14.87 7.98 -16.40
CA PRO B 168 -15.55 7.16 -17.40
C PRO B 168 -15.88 5.74 -16.98
N HIS B 169 -16.94 5.15 -17.54
CA HIS B 169 -17.43 3.85 -17.12
C HIS B 169 -16.63 2.75 -17.81
N ASN B 170 -16.02 1.86 -17.02
CA ASN B 170 -15.34 0.63 -17.39
C ASN B 170 -16.29 -0.54 -17.12
N PRO B 171 -16.58 -1.42 -18.10
CA PRO B 171 -15.86 -1.65 -19.34
C PRO B 171 -16.42 -1.07 -20.64
N ILE B 172 -17.54 -0.36 -20.57
CA ILE B 172 -18.18 0.10 -21.80
C ILE B 172 -17.48 1.31 -22.42
N GLY B 173 -16.61 1.98 -21.66
CA GLY B 173 -15.81 3.06 -22.22
C GLY B 173 -16.57 4.34 -22.46
N TYR B 174 -17.40 4.76 -21.50
CA TYR B 174 -18.30 5.89 -21.70
C TYR B 174 -17.98 7.00 -20.71
N ALA B 175 -17.56 8.15 -21.24
CA ALA B 175 -17.38 9.35 -20.44
C ALA B 175 -18.74 10.06 -20.34
N TRP B 176 -19.32 10.03 -19.15
CA TRP B 176 -20.64 10.62 -18.91
C TRP B 176 -20.62 12.11 -19.26
N SER B 177 -21.76 12.60 -19.76
CA SER B 177 -21.88 14.02 -20.06
C SER B 177 -21.99 14.83 -18.77
N GLU B 178 -21.82 16.16 -18.92
CA GLU B 178 -21.92 17.07 -17.78
C GLU B 178 -23.28 16.97 -17.09
N GLU B 179 -24.38 17.02 -17.84
CA GLU B 179 -25.63 16.96 -17.11
C GLU B 179 -25.89 15.56 -16.55
N GLU B 180 -25.30 14.51 -17.14
CA GLU B 180 -25.35 13.18 -16.53
C GLU B 180 -24.69 13.18 -15.15
N VAL B 181 -23.45 13.65 -15.09
CA VAL B 181 -22.72 13.67 -13.82
C VAL B 181 -23.43 14.57 -12.81
N LYS B 182 -23.87 15.75 -13.25
CA LYS B 182 -24.58 16.66 -12.36
C LYS B 182 -25.86 16.02 -11.85
N ARG B 183 -26.59 15.32 -12.68
CA ARG B 183 -27.85 14.67 -12.25
C ARG B 183 -27.61 13.56 -11.23
N ILE B 184 -26.56 12.76 -11.49
CA ILE B 184 -26.26 11.68 -10.55
C ILE B 184 -25.85 12.26 -9.20
N ALA B 185 -24.99 13.28 -9.20
CA ALA B 185 -24.58 13.92 -7.95
C ALA B 185 -25.77 14.54 -7.21
N GLU B 186 -26.68 15.21 -7.93
CA GLU B 186 -27.85 15.79 -7.27
C GLU B 186 -28.77 14.71 -6.69
N LEU B 187 -28.94 13.59 -7.40
CA LEU B 187 -29.73 12.48 -6.87
C LEU B 187 -29.11 11.93 -5.59
N CYS B 188 -27.80 11.72 -5.62
CA CYS B 188 -27.08 11.23 -4.45
C CYS B 188 -27.26 12.16 -3.27
N ALA B 189 -27.01 13.45 -3.50
CA ALA B 189 -27.10 14.44 -2.43
C ALA B 189 -28.50 14.51 -1.87
N LYS B 190 -29.51 14.61 -2.76
CA LYS B 190 -30.90 14.66 -2.32
C LYS B 190 -31.24 13.48 -1.42
N HIS B 191 -30.74 12.29 -1.73
CA HIS B 191 -31.07 11.10 -0.97
C HIS B 191 -30.00 10.74 0.07
N GLN B 192 -29.08 11.66 0.36
CA GLN B 192 -28.08 11.52 1.42
C GLN B 192 -27.20 10.29 1.20
N VAL B 193 -26.83 10.06 -0.05
CA VAL B 193 -25.98 8.96 -0.48
C VAL B 193 -24.66 9.55 -0.92
N LEU B 194 -23.57 8.93 -0.48
CA LEU B 194 -22.25 9.41 -0.88
C LEU B 194 -21.92 8.92 -2.28
N LEU B 195 -21.52 9.85 -3.14
CA LEU B 195 -21.14 9.52 -4.52
C LEU B 195 -19.63 9.35 -4.59
N ILE B 196 -19.18 8.13 -4.83
CA ILE B 196 -17.77 7.84 -5.02
C ILE B 196 -17.53 7.78 -6.52
N SER B 197 -16.88 8.82 -7.06
CA SER B 197 -16.68 8.93 -8.50
C SER B 197 -15.27 8.43 -8.83
N ASP B 198 -15.19 7.25 -9.42
CA ASP B 198 -13.92 6.64 -9.81
C ASP B 198 -13.55 7.20 -11.18
N GLU B 199 -12.58 8.12 -11.23
CA GLU B 199 -12.23 8.82 -12.50
C GLU B 199 -10.87 8.37 -13.03
N ILE B 200 -10.54 7.11 -12.77
CA ILE B 200 -9.22 6.65 -13.15
C ILE B 200 -9.04 6.63 -14.67
N HIS B 201 -10.13 6.57 -15.44
CA HIS B 201 -10.03 6.62 -16.90
C HIS B 201 -10.20 8.02 -17.46
N GLY B 202 -10.21 9.04 -16.60
CA GLY B 202 -10.64 10.36 -17.01
C GLY B 202 -9.70 11.05 -17.97
N ASP B 203 -8.42 10.68 -17.93
CA ASP B 203 -7.46 11.28 -18.86
C ASP B 203 -7.50 10.64 -20.22
N LEU B 204 -8.35 9.62 -20.42
CA LEU B 204 -8.31 8.79 -21.61
C LEU B 204 -9.57 8.94 -22.46
N VAL B 205 -10.19 10.11 -22.41
CA VAL B 205 -11.28 10.38 -23.33
C VAL B 205 -10.68 10.65 -24.70
N LEU B 206 -11.16 9.93 -25.71
CA LEU B 206 -10.52 9.93 -27.02
C LEU B 206 -11.20 10.85 -28.03
N THR B 207 -12.44 11.25 -27.78
CA THR B 207 -13.15 12.18 -28.63
C THR B 207 -12.83 13.60 -28.16
N ASP B 208 -13.53 14.59 -28.72
CA ASP B 208 -13.36 15.96 -28.25
C ASP B 208 -14.18 16.24 -27.01
N GLU B 209 -14.97 15.27 -26.56
CA GLU B 209 -15.62 15.39 -25.26
C GLU B 209 -14.57 15.24 -24.16
N ASP B 210 -15.01 15.48 -22.93
CA ASP B 210 -14.07 15.38 -21.83
C ASP B 210 -14.81 14.93 -20.59
N ILE B 211 -14.03 14.55 -19.60
CA ILE B 211 -14.60 14.13 -18.31
C ILE B 211 -15.22 15.31 -17.59
N THR B 212 -16.36 15.08 -16.97
CA THR B 212 -16.84 16.01 -15.96
C THR B 212 -16.52 15.39 -14.59
N PRO B 213 -15.52 15.89 -13.87
CA PRO B 213 -15.24 15.33 -12.55
C PRO B 213 -16.37 15.63 -11.59
N ALA B 214 -16.62 14.70 -10.67
CA ALA B 214 -17.70 14.92 -9.72
C ALA B 214 -17.45 16.15 -8.84
N PHE B 215 -16.18 16.47 -8.57
CA PHE B 215 -15.91 17.62 -7.71
C PHE B 215 -16.31 18.96 -8.34
N THR B 216 -16.66 19.02 -9.63
CA THR B 216 -17.09 20.27 -10.24
C THR B 216 -18.58 20.56 -10.09
N VAL B 217 -19.38 19.62 -9.57
CA VAL B 217 -20.82 19.88 -9.42
C VAL B 217 -21.04 20.99 -8.39
N ASP B 218 -22.18 21.67 -8.50
CA ASP B 218 -22.40 22.84 -7.64
C ASP B 218 -22.64 22.42 -6.19
N TRP B 219 -22.53 23.41 -5.30
CA TRP B 219 -22.50 23.17 -3.85
C TRP B 219 -23.80 22.65 -3.26
N ASP B 220 -24.92 22.69 -3.98
CA ASP B 220 -26.07 21.92 -3.51
C ASP B 220 -25.71 20.45 -3.31
N ALA B 221 -24.71 19.96 -4.05
CA ALA B 221 -24.40 18.54 -4.14
C ALA B 221 -22.92 18.24 -3.96
N LYS B 222 -22.04 19.23 -4.11
CA LYS B 222 -20.61 18.98 -4.04
C LYS B 222 -20.19 18.45 -2.68
N ASN B 223 -21.01 18.61 -1.65
CA ASN B 223 -20.63 18.11 -0.34
C ASN B 223 -20.85 16.62 -0.19
N TRP B 224 -21.32 15.93 -1.24
CA TRP B 224 -21.62 14.51 -1.19
C TRP B 224 -20.77 13.70 -2.15
N VAL B 225 -19.69 14.27 -2.70
CA VAL B 225 -18.94 13.61 -3.76
C VAL B 225 -17.49 13.39 -3.34
N VAL B 226 -16.92 12.30 -3.87
CA VAL B 226 -15.50 12.00 -3.81
C VAL B 226 -15.07 11.66 -5.23
N SER B 227 -14.08 12.37 -5.75
CA SER B 227 -13.43 12.06 -7.01
C SER B 227 -12.13 11.30 -6.74
N LEU B 228 -11.93 10.18 -7.42
CA LEU B 228 -10.69 9.42 -7.28
C LEU B 228 -9.97 9.43 -8.61
N ILE B 229 -8.72 9.89 -8.56
CA ILE B 229 -7.86 9.91 -9.77
C ILE B 229 -6.53 9.22 -9.46
N SER B 230 -5.78 8.95 -10.52
CA SER B 230 -4.50 8.27 -10.38
C SER B 230 -3.77 8.40 -11.71
N PRO B 231 -2.44 8.46 -11.70
CA PRO B 231 -1.70 8.37 -12.97
C PRO B 231 -1.60 6.96 -13.52
N SER B 232 -2.12 5.97 -12.80
CA SER B 232 -1.93 4.53 -13.11
C SER B 232 -2.39 4.15 -14.52
N LYS B 233 -3.67 4.39 -14.77
CA LYS B 233 -4.17 4.00 -16.10
C LYS B 233 -3.59 4.89 -17.19
N THR B 234 -3.56 6.20 -16.96
CA THR B 234 -3.11 7.13 -17.98
C THR B 234 -1.69 6.84 -18.45
N PHE B 235 -0.79 6.51 -17.52
CA PHE B 235 0.65 6.52 -17.79
C PHE B 235 1.29 5.14 -17.68
N ASN B 236 0.49 4.08 -17.54
CA ASN B 236 0.97 2.70 -17.44
C ASN B 236 1.75 2.47 -16.14
N LEU B 237 1.13 2.84 -15.01
CA LEU B 237 1.78 2.88 -13.71
C LEU B 237 0.94 2.18 -12.64
N ALA B 238 0.28 1.08 -13.00
CA ALA B 238 -0.56 0.36 -12.03
C ALA B 238 0.21 0.01 -10.73
N ALA B 239 1.46 -0.45 -10.87
CA ALA B 239 2.19 -0.84 -9.68
C ALA B 239 2.90 0.33 -9.00
N LEU B 240 2.70 1.57 -9.45
CA LEU B 240 3.28 2.69 -8.73
C LEU B 240 2.59 2.91 -7.39
N HIS B 241 1.29 2.61 -7.33
CA HIS B 241 0.47 2.79 -6.13
C HIS B 241 0.45 4.26 -5.70
N ALA B 242 0.07 5.13 -6.63
CA ALA B 242 -0.13 6.54 -6.34
C ALA B 242 -1.52 6.93 -6.82
N ALA B 243 -2.32 7.51 -5.93
CA ALA B 243 -3.65 7.96 -6.28
C ALA B 243 -3.96 9.20 -5.47
N CYS B 244 -5.11 9.81 -5.75
CA CYS B 244 -5.49 11.01 -5.03
C CYS B 244 -7.01 11.04 -4.92
N ALA B 245 -7.52 11.20 -3.70
CA ALA B 245 -8.93 11.46 -3.50
C ALA B 245 -9.15 12.97 -3.45
N ILE B 246 -10.15 13.45 -4.17
CA ILE B 246 -10.48 14.87 -4.21
C ILE B 246 -11.85 15.00 -3.57
N ILE B 247 -11.89 15.59 -2.39
CA ILE B 247 -13.06 15.56 -1.51
C ILE B 247 -13.35 16.98 -1.05
N PRO B 248 -14.28 17.69 -1.68
CA PRO B 248 -14.53 19.09 -1.27
C PRO B 248 -15.01 19.23 0.16
N ASN B 249 -15.82 18.29 0.63
CA ASN B 249 -16.36 18.34 1.99
C ASN B 249 -15.23 18.20 2.98
N PRO B 250 -14.89 19.23 3.77
CA PRO B 250 -13.67 19.14 4.61
C PRO B 250 -13.75 18.05 5.68
N ASP B 251 -14.94 17.80 6.22
CA ASP B 251 -15.02 16.80 7.27
C ASP B 251 -14.98 15.38 6.71
N LEU B 252 -15.75 15.13 5.66
CA LEU B 252 -15.63 13.87 4.93
C LEU B 252 -14.20 13.63 4.49
N ARG B 253 -13.54 14.67 3.98
CA ARG B 253 -12.15 14.56 3.55
C ARG B 253 -11.24 14.09 4.68
N ALA B 254 -11.32 14.75 5.84
CA ALA B 254 -10.47 14.37 6.97
C ALA B 254 -10.77 12.95 7.44
N ARG B 255 -12.04 12.55 7.43
CA ARG B 255 -12.40 11.17 7.80
C ARG B 255 -11.83 10.17 6.79
N ALA B 256 -11.91 10.49 5.50
CA ALA B 256 -11.32 9.62 4.49
C ALA B 256 -9.82 9.46 4.71
N GLU B 257 -9.12 10.58 4.97
CA GLU B 257 -7.69 10.55 5.23
C GLU B 257 -7.39 9.64 6.41
N GLU B 258 -8.18 9.74 7.48
CA GLU B 258 -7.95 8.92 8.67
C GLU B 258 -8.17 7.44 8.36
N SER B 259 -9.19 7.13 7.56
CA SER B 259 -9.43 5.75 7.15
C SER B 259 -8.28 5.23 6.29
N PHE B 260 -7.68 6.10 5.46
CA PHE B 260 -6.52 5.66 4.68
C PHE B 260 -5.36 5.31 5.60
N PHE B 261 -5.10 6.14 6.60
CA PHE B 261 -3.98 5.87 7.48
C PHE B 261 -4.21 4.59 8.29
N LEU B 262 -5.44 4.37 8.75
CA LEU B 262 -5.71 3.17 9.54
C LEU B 262 -5.60 1.91 8.71
N ALA B 263 -5.97 1.98 7.42
CA ALA B 263 -5.86 0.80 6.56
C ALA B 263 -4.44 0.56 6.07
N GLY B 264 -3.56 1.55 6.16
CA GLY B 264 -2.21 1.40 5.68
C GLY B 264 -2.02 1.80 4.23
N ILE B 265 -2.87 2.69 3.72
CA ILE B 265 -2.78 3.13 2.34
C ILE B 265 -2.64 4.65 2.23
N GLY B 266 -2.28 5.31 3.34
CA GLY B 266 -2.24 6.76 3.38
C GLY B 266 -0.85 7.34 3.17
N GLU B 267 0.17 6.48 3.19
CA GLU B 267 1.58 6.88 3.12
C GLU B 267 2.20 6.49 1.79
N PRO B 268 2.87 7.40 1.08
CA PRO B 268 3.45 7.02 -0.22
C PRO B 268 4.64 6.09 -0.07
N ASN B 269 4.79 5.21 -1.06
CA ASN B 269 6.02 4.45 -1.17
C ASN B 269 7.11 5.34 -1.77
N LEU B 270 8.31 4.78 -1.91
CA LEU B 270 9.51 5.54 -2.25
C LEU B 270 9.45 6.22 -3.63
N LEU B 271 8.57 5.80 -4.53
CA LEU B 271 8.52 6.41 -5.85
C LEU B 271 7.24 7.20 -6.12
N ALA B 272 6.17 6.95 -5.35
CA ALA B 272 4.85 7.45 -5.73
C ALA B 272 4.83 8.97 -5.90
N ILE B 273 5.49 9.70 -5.01
CA ILE B 273 5.39 11.17 -5.06
C ILE B 273 6.18 11.75 -6.23
N PRO B 274 7.49 11.49 -6.39
CA PRO B 274 8.18 12.08 -7.55
C PRO B 274 7.63 11.61 -8.89
N ALA B 275 7.22 10.34 -9.00
CA ALA B 275 6.70 9.83 -10.28
C ALA B 275 5.37 10.47 -10.63
N ALA B 276 4.43 10.53 -9.68
CA ALA B 276 3.14 11.17 -9.95
C ALA B 276 3.31 12.66 -10.26
N ILE B 277 4.21 13.33 -9.54
CA ILE B 277 4.43 14.75 -9.82
C ILE B 277 4.96 14.92 -11.23
N ALA B 278 5.90 14.08 -11.64
CA ALA B 278 6.44 14.16 -12.99
C ALA B 278 5.36 13.90 -14.03
N ALA B 279 4.53 12.86 -13.81
CA ALA B 279 3.46 12.58 -14.76
C ALA B 279 2.53 13.77 -14.91
N TYR B 280 2.07 14.31 -13.78
CA TYR B 280 1.09 15.40 -13.77
C TYR B 280 1.66 16.76 -14.15
N GLU B 281 2.97 16.94 -14.06
CA GLU B 281 3.58 18.19 -14.50
C GLU B 281 4.16 18.10 -15.91
N GLU B 282 4.65 16.93 -16.31
CA GLU B 282 5.43 16.82 -17.53
C GLU B 282 4.91 15.74 -18.48
N GLY B 283 3.76 15.15 -18.18
CA GLY B 283 3.25 14.08 -19.01
C GLY B 283 2.29 14.51 -20.11
N HIS B 284 2.06 15.80 -20.30
CA HIS B 284 1.04 16.24 -21.26
C HIS B 284 1.39 15.83 -22.68
N ASN B 285 2.64 16.02 -23.07
CA ASN B 285 3.01 15.74 -24.45
C ASN B 285 2.94 14.27 -24.74
N TRP B 286 3.35 13.42 -23.78
CA TRP B 286 3.27 11.99 -24.00
C TRP B 286 1.83 11.53 -24.12
N LEU B 287 0.95 12.05 -23.26
CA LEU B 287 -0.46 11.69 -23.34
C LEU B 287 -1.07 12.11 -24.67
N ARG B 288 -0.72 13.30 -25.19
CA ARG B 288 -1.25 13.72 -26.47
C ARG B 288 -0.89 12.72 -27.56
N GLU B 289 0.36 12.28 -27.58
CA GLU B 289 0.77 11.29 -28.61
C GLU B 289 0.12 9.93 -28.32
N LEU B 290 -0.02 9.57 -27.04
CA LEU B 290 -0.70 8.32 -26.73
C LEU B 290 -2.10 8.29 -27.33
N LYS B 291 -2.84 9.39 -27.20
CA LYS B 291 -4.22 9.40 -27.68
C LYS B 291 -4.29 9.28 -29.20
N GLN B 292 -3.29 9.84 -29.90
CA GLN B 292 -3.21 9.62 -31.34
C GLN B 292 -3.01 8.14 -31.66
N VAL B 293 -2.15 7.46 -30.92
CA VAL B 293 -1.93 6.03 -31.15
C VAL B 293 -3.20 5.24 -30.84
N LEU B 294 -3.86 5.56 -29.72
CA LEU B 294 -5.07 4.84 -29.34
C LEU B 294 -6.20 5.09 -30.34
N ARG B 295 -6.37 6.34 -30.77
CA ARG B 295 -7.38 6.61 -31.79
C ARG B 295 -7.10 5.83 -33.07
N ASP B 296 -5.84 5.76 -33.48
CA ASP B 296 -5.47 4.94 -34.64
C ASP B 296 -5.77 3.47 -34.42
N ASN B 297 -5.46 2.95 -33.23
CA ASN B 297 -5.70 1.54 -32.96
C ASN B 297 -7.20 1.23 -32.96
N PHE B 298 -8.01 2.10 -32.34
CA PHE B 298 -9.45 1.89 -32.36
C PHE B 298 -10.01 2.00 -33.77
N ALA B 299 -9.50 2.96 -34.55
CA ALA B 299 -9.94 3.09 -35.94
C ALA B 299 -9.63 1.82 -36.71
N TYR B 300 -8.45 1.24 -36.50
CA TYR B 300 -8.12 -0.02 -37.18
C TYR B 300 -9.06 -1.13 -36.74
N ALA B 301 -9.23 -1.30 -35.42
CA ALA B 301 -10.09 -2.37 -34.91
C ALA B 301 -11.51 -2.22 -35.44
N ARG B 302 -12.04 -0.99 -35.41
CA ARG B 302 -13.41 -0.80 -35.84
C ARG B 302 -13.56 -1.02 -37.34
N GLU B 303 -12.64 -0.50 -38.15
CA GLU B 303 -12.72 -0.71 -39.58
C GLU B 303 -12.56 -2.20 -39.92
N PHE B 304 -11.59 -2.85 -39.29
CA PHE B 304 -11.32 -4.26 -39.58
C PHE B 304 -12.46 -5.16 -39.13
N LEU B 305 -12.95 -5.00 -37.91
CA LEU B 305 -14.01 -5.94 -37.46
C LEU B 305 -15.31 -5.65 -38.20
N ALA B 306 -15.55 -4.40 -38.58
CA ALA B 306 -16.76 -4.07 -39.39
C ALA B 306 -16.71 -4.75 -40.77
N LYS B 307 -15.52 -4.80 -41.34
CA LYS B 307 -15.34 -5.39 -42.69
C LYS B 307 -15.21 -6.92 -42.62
N GLU B 308 -14.44 -7.47 -41.66
CA GLU B 308 -14.19 -8.90 -41.73
C GLU B 308 -14.96 -9.77 -40.73
N VAL B 309 -15.50 -9.19 -39.65
CA VAL B 309 -16.16 -9.98 -38.60
C VAL B 309 -17.50 -9.34 -38.27
N PRO B 310 -18.48 -9.40 -39.18
CA PRO B 310 -19.79 -8.79 -38.90
C PRO B 310 -20.55 -9.47 -37.78
N GLU B 311 -20.14 -10.65 -37.34
CA GLU B 311 -20.80 -11.36 -36.25
C GLU B 311 -20.53 -10.77 -34.87
N VAL B 312 -19.55 -9.86 -34.74
CA VAL B 312 -19.31 -9.15 -33.49
C VAL B 312 -19.54 -7.67 -33.73
N LYS B 313 -19.81 -6.93 -32.65
CA LYS B 313 -20.10 -5.50 -32.74
C LYS B 313 -19.27 -4.78 -31.71
N VAL B 314 -18.24 -4.05 -32.14
CA VAL B 314 -17.51 -3.17 -31.24
C VAL B 314 -18.43 -2.01 -30.84
N LEU B 315 -18.65 -1.85 -29.53
CA LEU B 315 -19.48 -0.75 -29.08
C LEU B 315 -18.81 0.60 -29.33
N ASP B 316 -19.62 1.56 -29.75
CA ASP B 316 -19.20 2.96 -29.74
C ASP B 316 -18.81 3.37 -28.34
N SER B 317 -17.58 3.86 -28.18
CA SER B 317 -17.06 4.29 -26.90
C SER B 317 -16.25 5.56 -27.13
N ASN B 318 -16.24 6.45 -26.14
CA ASN B 318 -15.48 7.69 -26.27
C ASN B 318 -14.33 7.79 -25.28
N ALA B 319 -14.16 6.75 -24.46
CA ALA B 319 -13.11 6.81 -23.44
C ALA B 319 -12.48 5.45 -23.18
N SER B 320 -11.26 5.49 -22.65
CA SER B 320 -10.50 4.27 -22.31
C SER B 320 -9.85 3.61 -23.52
N TYR B 321 -8.90 2.74 -23.24
CA TYR B 321 -8.20 1.97 -24.30
C TYR B 321 -8.74 0.54 -24.37
N LEU B 322 -9.89 0.32 -23.75
CA LEU B 322 -10.53 -0.99 -23.74
C LEU B 322 -11.73 -0.99 -24.66
N ALA B 323 -11.79 -1.98 -25.54
CA ALA B 323 -12.91 -2.14 -26.45
C ALA B 323 -13.87 -3.17 -25.87
N TRP B 324 -15.16 -2.86 -25.94
CA TRP B 324 -16.24 -3.70 -25.43
C TRP B 324 -17.00 -4.21 -26.64
N VAL B 325 -16.97 -5.51 -26.84
CA VAL B 325 -17.35 -6.13 -28.11
C VAL B 325 -18.49 -7.09 -27.84
N ASP B 326 -19.64 -6.81 -28.43
CA ASP B 326 -20.84 -7.65 -28.35
C ASP B 326 -20.61 -8.92 -29.17
N ILE B 327 -20.58 -10.07 -28.49
CA ILE B 327 -20.44 -11.34 -29.21
C ILE B 327 -21.71 -12.18 -29.11
N SER B 328 -22.86 -11.52 -28.91
CA SER B 328 -24.12 -12.24 -28.72
C SER B 328 -24.45 -13.12 -29.91
N ALA B 329 -24.11 -12.68 -31.12
CA ALA B 329 -24.44 -13.45 -32.32
C ALA B 329 -23.69 -14.77 -32.40
N LEU B 330 -22.63 -14.95 -31.62
CA LEU B 330 -21.93 -16.23 -31.61
C LEU B 330 -22.67 -17.30 -30.82
N GLY B 331 -23.67 -16.93 -30.01
CA GLY B 331 -24.43 -17.91 -29.25
C GLY B 331 -23.58 -18.71 -28.28
N MET B 332 -22.61 -18.09 -27.65
CA MET B 332 -21.65 -18.76 -26.80
C MET B 332 -21.34 -17.86 -25.62
N ASN B 333 -21.38 -18.43 -24.41
CA ASN B 333 -21.02 -17.66 -23.22
C ASN B 333 -19.59 -17.13 -23.38
N ALA B 334 -19.40 -15.87 -22.98
CA ALA B 334 -18.11 -15.21 -23.24
C ALA B 334 -16.93 -15.97 -22.62
N GLU B 335 -17.11 -16.55 -21.43
CA GLU B 335 -16.00 -17.26 -20.80
C GLU B 335 -15.59 -18.49 -21.62
N ASP B 336 -16.58 -19.22 -22.12
CA ASP B 336 -16.30 -20.36 -23.00
C ASP B 336 -15.61 -19.90 -24.28
N PHE B 337 -16.10 -18.80 -24.88
CA PHE B 337 -15.51 -18.31 -26.12
C PHE B 337 -14.06 -17.88 -25.91
N CYS B 338 -13.78 -17.15 -24.82
CA CYS B 338 -12.42 -16.71 -24.56
C CYS B 338 -11.48 -17.88 -24.32
N LYS B 339 -11.98 -18.93 -23.66
CA LYS B 339 -11.18 -20.13 -23.47
C LYS B 339 -10.88 -20.79 -24.82
N TYR B 340 -11.92 -20.98 -25.64
CA TYR B 340 -11.73 -21.55 -26.97
C TYR B 340 -10.80 -20.69 -27.81
N LEU B 341 -10.96 -19.38 -27.76
CA LEU B 341 -10.14 -18.46 -28.60
C LEU B 341 -8.67 -18.54 -28.19
N ARG B 342 -8.42 -18.62 -26.89
CA ARG B 342 -7.03 -18.75 -26.47
C ARG B 342 -6.44 -20.08 -26.91
N GLU B 343 -7.21 -21.16 -26.77
CA GLU B 343 -6.68 -22.46 -27.17
C GLU B 343 -6.44 -22.52 -28.68
N LYS B 344 -7.28 -21.87 -29.47
CA LYS B 344 -7.17 -22.00 -30.91
C LYS B 344 -6.23 -20.98 -31.55
N THR B 345 -6.14 -19.77 -31.00
CA THR B 345 -5.35 -18.72 -31.63
C THR B 345 -4.24 -18.15 -30.77
N GLY B 346 -4.21 -18.45 -29.47
CA GLY B 346 -3.27 -17.83 -28.56
C GLY B 346 -3.65 -16.43 -28.10
N LEU B 347 -4.75 -15.91 -28.62
CA LEU B 347 -5.25 -14.57 -28.20
C LEU B 347 -5.96 -14.66 -26.85
N ILE B 348 -5.54 -13.82 -25.91
CA ILE B 348 -6.11 -13.82 -24.57
C ILE B 348 -6.82 -12.49 -24.37
N ILE B 349 -8.16 -12.51 -24.36
CA ILE B 349 -8.95 -11.34 -24.09
C ILE B 349 -9.82 -11.61 -22.86
N SER B 350 -10.42 -10.55 -22.33
CA SER B 350 -11.22 -10.66 -21.11
C SER B 350 -12.64 -11.08 -21.45
N ALA B 351 -13.11 -12.14 -20.81
CA ALA B 351 -14.52 -12.48 -20.89
C ALA B 351 -15.33 -11.45 -20.13
N GLY B 352 -16.50 -11.11 -20.67
CA GLY B 352 -17.29 -10.08 -20.03
C GLY B 352 -18.00 -10.48 -18.76
N ASN B 353 -18.04 -11.79 -18.45
CA ASN B 353 -18.88 -12.29 -17.36
C ASN B 353 -18.57 -11.62 -16.02
N GLY B 354 -17.28 -11.43 -15.71
CA GLY B 354 -16.90 -10.88 -14.42
C GLY B 354 -17.41 -9.48 -14.18
N TYR B 355 -17.79 -8.77 -15.24
CA TYR B 355 -18.38 -7.40 -15.06
C TYR B 355 -19.88 -7.48 -14.70
N ARG B 356 -20.39 -8.68 -14.67
CA ARG B 356 -21.82 -8.92 -14.37
C ARG B 356 -22.68 -8.17 -15.39
N GLY B 357 -23.85 -7.72 -14.97
CA GLY B 357 -24.78 -7.15 -15.95
C GLY B 357 -25.01 -8.12 -17.11
N ASN B 358 -24.95 -7.61 -18.33
CA ASN B 358 -25.05 -8.48 -19.51
C ASN B 358 -23.68 -8.86 -20.06
N GLY B 359 -22.65 -8.84 -19.21
CA GLY B 359 -21.28 -9.10 -19.63
C GLY B 359 -21.04 -10.46 -20.25
N HIS B 360 -21.87 -11.46 -19.92
CA HIS B 360 -21.70 -12.79 -20.52
C HIS B 360 -21.85 -12.80 -22.05
N GLU B 361 -22.35 -11.72 -22.64
CA GLU B 361 -22.47 -11.59 -24.09
C GLU B 361 -21.36 -10.73 -24.70
N PHE B 362 -20.32 -10.39 -23.93
CA PHE B 362 -19.32 -9.45 -24.39
C PHE B 362 -17.92 -9.97 -24.08
N VAL B 363 -16.96 -9.44 -24.83
CA VAL B 363 -15.55 -9.59 -24.48
C VAL B 363 -14.96 -8.19 -24.42
N ARG B 364 -13.88 -8.04 -23.65
CA ARG B 364 -13.19 -6.76 -23.52
C ARG B 364 -11.77 -6.92 -24.03
N ILE B 365 -11.35 -6.05 -24.94
CA ILE B 365 -10.07 -6.15 -25.61
C ILE B 365 -9.26 -4.88 -25.35
N ASN B 366 -8.03 -5.06 -24.89
CA ASN B 366 -7.12 -3.98 -24.57
C ASN B 366 -6.34 -3.56 -25.82
N LEU B 367 -6.53 -2.31 -26.26
CA LEU B 367 -5.93 -1.82 -27.49
C LEU B 367 -4.74 -0.89 -27.25
N ALA B 368 -4.30 -0.78 -26.00
CA ALA B 368 -3.12 0.04 -25.67
C ALA B 368 -1.85 -0.78 -25.84
N CYS B 369 -1.60 -1.18 -27.08
CA CYS B 369 -0.35 -1.84 -27.42
C CYS B 369 0.07 -1.37 -28.81
N PRO B 370 1.29 -1.69 -29.25
CA PRO B 370 1.72 -1.25 -30.60
C PRO B 370 0.78 -1.76 -31.67
N LYS B 371 0.72 -1.01 -32.77
CA LYS B 371 -0.24 -1.34 -33.82
C LYS B 371 -0.03 -2.75 -34.36
N GLU B 372 1.23 -3.23 -34.43
CA GLU B 372 1.47 -4.60 -34.90
C GLU B 372 0.71 -5.62 -34.06
N LEU B 373 0.66 -5.39 -32.75
CA LEU B 373 -0.08 -6.32 -31.89
C LEU B 373 -1.57 -6.20 -32.13
N VAL B 374 -2.07 -4.98 -32.37
CA VAL B 374 -3.49 -4.83 -32.68
C VAL B 374 -3.83 -5.57 -33.97
N ILE B 375 -3.01 -5.41 -35.01
CA ILE B 375 -3.23 -6.11 -36.28
C ILE B 375 -3.24 -7.61 -36.06
N ASP B 376 -2.24 -8.11 -35.32
CA ASP B 376 -2.17 -9.53 -34.98
C ASP B 376 -3.43 -9.98 -34.25
N GLY B 377 -3.81 -9.27 -33.19
CA GLY B 377 -4.93 -9.68 -32.38
C GLY B 377 -6.25 -9.69 -33.12
N MET B 378 -6.49 -8.69 -33.95
CA MET B 378 -7.73 -8.64 -34.72
C MET B 378 -7.83 -9.82 -35.67
N GLN B 379 -6.72 -10.17 -36.32
CA GLN B 379 -6.73 -11.32 -37.21
C GLN B 379 -6.98 -12.61 -36.43
N ARG B 380 -6.42 -12.71 -35.23
CA ARG B 380 -6.68 -13.90 -34.41
C ARG B 380 -8.13 -13.98 -34.00
N LEU B 381 -8.73 -12.85 -33.63
CA LEU B 381 -10.16 -12.83 -33.31
C LEU B 381 -10.99 -13.24 -34.51
N LYS B 382 -10.63 -12.74 -35.71
CA LYS B 382 -11.33 -13.17 -36.91
C LYS B 382 -11.21 -14.67 -37.10
N GLN B 383 -9.98 -15.20 -36.98
CA GLN B 383 -9.78 -16.65 -37.04
C GLN B 383 -10.67 -17.39 -36.05
N GLY B 384 -10.72 -16.93 -34.81
CA GLY B 384 -11.51 -17.64 -33.81
C GLY B 384 -12.99 -17.63 -34.13
N VAL B 385 -13.51 -16.49 -34.60
CA VAL B 385 -14.95 -16.41 -34.85
C VAL B 385 -15.35 -17.30 -36.03
N LEU B 386 -14.60 -17.17 -37.12
CA LEU B 386 -14.97 -17.91 -38.35
C LEU B 386 -14.69 -19.42 -38.24
N ASN B 387 -13.80 -19.90 -37.35
CA ASN B 387 -13.58 -21.33 -37.17
C ASN B 387 -14.61 -21.98 -36.26
N LEU B 388 -15.39 -21.14 -35.57
CA LEU B 388 -16.52 -21.68 -34.76
C LEU B 388 -17.54 -22.08 -35.82
N ASN B 389 -17.59 -21.34 -36.93
CA ASN B 389 -18.53 -21.58 -38.04
C ASN B 389 -18.42 -23.02 -38.49
N ASN B 390 -17.20 -23.54 -38.51
CA ASN B 390 -17.02 -24.99 -38.80
C ASN B 390 -17.59 -25.77 -37.61
#